data_2PC6
#
_entry.id   2PC6
#
_cell.length_a   122.123
_cell.length_b   122.123
_cell.length_c   111.559
_cell.angle_alpha   90.00
_cell.angle_beta   90.00
_cell.angle_gamma   90.00
#
_symmetry.space_group_name_H-M   'P 42 21 2'
#
loop_
_entity.id
_entity.type
_entity.pdbx_description
1 polymer 'Probable acetolactate synthase isozyme III (Small subunit)'
2 non-polymer 'CALCIUM ION'
3 non-polymer 'UNKNOWN LIGAND'
4 water water
#
_entity_poly.entity_id   1
_entity_poly.type   'polypeptide(L)'
_entity_poly.pdbx_seq_one_letter_code
;GH(MSE)RHIISLL(MSE)ENEAGALSRVAGLFSARGYNIESLSVAPTEDPTLSR(MSE)TLVTNGPDEIVEQITKQLNK
LIEVVKLIDLSSEGYVEREL(MSE)LVKVRAVGKDREE(MSE)KRLADIFRGNIIDVTNELYTIELTGTRSKLDGFLQAV
DCNLILEIARTGVSGLSRGERVLKL
;
_entity_poly.pdbx_strand_id   A,B,C,D
#
loop_
_chem_comp.id
_chem_comp.type
_chem_comp.name
_chem_comp.formula
CA non-polymer 'CALCIUM ION' 'Ca 2'
UNL non-polymer 'UNKNOWN LIGAND' ?
#
# COMPACT_ATOMS: atom_id res chain seq x y z
N HIS A 2 3.14 17.61 -16.98
CA HIS A 2 2.44 16.51 -16.25
C HIS A 2 1.51 17.08 -15.18
N MSE A 3 0.56 17.92 -15.58
N MSE A 3 0.53 17.85 -15.65
CA MSE A 3 -0.36 18.52 -14.61
CA MSE A 3 -0.42 18.60 -14.81
C MSE A 3 -1.81 18.08 -14.84
C MSE A 3 -1.83 17.99 -14.84
O MSE A 3 -2.17 17.56 -15.90
O MSE A 3 -2.20 17.30 -15.81
CB MSE A 3 -0.22 20.06 -14.58
CB MSE A 3 -0.48 20.07 -15.28
CG MSE A 3 -0.47 20.73 -13.20
CG MSE A 3 -1.16 21.04 -14.31
SE MSE A 3 1.13 21.35 -12.22
SE MSE A 3 -1.92 22.65 -15.19
CE MSE A 3 0.33 22.65 -10.93
CE MSE A 3 -2.99 23.38 -13.67
N ARG A 4 -2.61 18.28 -13.80
CA ARG A 4 -4.01 17.86 -13.74
C ARG A 4 -4.96 18.66 -14.62
N HIS A 5 -5.70 17.96 -15.48
CA HIS A 5 -6.82 18.53 -16.20
C HIS A 5 -8.11 17.85 -15.75
N ILE A 6 -9.15 18.64 -15.57
CA ILE A 6 -10.44 18.13 -15.15
C ILE A 6 -11.22 18.26 -16.42
N ILE A 7 -11.45 17.13 -17.08
CA ILE A 7 -12.35 17.03 -18.22
C ILE A 7 -13.81 16.71 -17.77
N SER A 8 -14.72 17.50 -18.34
CA SER A 8 -16.13 17.42 -18.09
C SER A 8 -16.83 17.04 -19.38
N LEU A 9 -17.72 16.06 -19.33
CA LEU A 9 -18.41 15.70 -20.55
C LEU A 9 -19.84 15.22 -20.35
N LEU A 10 -20.64 15.47 -21.38
CA LEU A 10 -21.98 15.00 -21.48
C LEU A 10 -22.00 13.73 -22.34
N MSE A 11 -22.65 12.69 -21.85
CA MSE A 11 -22.79 11.53 -22.68
C MSE A 11 -24.07 10.78 -22.56
O MSE A 11 -24.74 10.84 -21.52
CB MSE A 11 -21.62 10.58 -22.52
CG MSE A 11 -21.12 10.40 -21.13
SE MSE A 11 -20.41 8.63 -21.24
CE MSE A 11 -21.76 7.54 -20.08
N GLU A 12 -24.41 10.09 -23.64
CA GLU A 12 -25.51 9.14 -23.70
C GLU A 12 -25.51 8.20 -22.50
N ASN A 13 -26.54 8.31 -21.66
CA ASN A 13 -26.70 7.42 -20.52
C ASN A 13 -27.13 6.02 -20.99
N GLU A 14 -26.19 5.32 -21.62
CA GLU A 14 -26.51 4.01 -22.21
C GLU A 14 -25.39 2.99 -21.96
N ALA A 15 -25.73 1.72 -22.20
CA ALA A 15 -24.88 0.56 -21.87
C ALA A 15 -23.67 0.53 -22.81
N GLY A 16 -22.48 0.57 -22.22
CA GLY A 16 -21.26 0.51 -22.99
C GLY A 16 -20.62 1.87 -23.14
N ALA A 17 -21.46 2.91 -23.10
CA ALA A 17 -20.99 4.30 -23.14
C ALA A 17 -19.72 4.46 -22.34
N LEU A 18 -19.76 4.02 -21.09
CA LEU A 18 -18.63 4.25 -20.21
C LEU A 18 -17.50 3.26 -20.52
N SER A 19 -17.84 2.00 -20.83
CA SER A 19 -16.77 1.07 -21.16
C SER A 19 -15.99 1.52 -22.43
N ARG A 20 -16.68 2.19 -23.36
CA ARG A 20 -16.01 2.73 -24.54
C ARG A 20 -15.13 3.95 -24.22
N VAL A 21 -15.58 4.83 -23.32
CA VAL A 21 -14.77 5.94 -22.90
C VAL A 21 -13.55 5.43 -22.13
N ALA A 22 -13.73 4.40 -21.29
CA ALA A 22 -12.58 3.89 -20.52
C ALA A 22 -11.66 3.10 -21.43
N GLY A 23 -12.22 2.47 -22.47
CA GLY A 23 -11.40 1.72 -23.40
C GLY A 23 -10.43 2.60 -24.19
N LEU A 24 -10.94 3.73 -24.65
CA LEU A 24 -10.13 4.73 -25.36
C LEU A 24 -8.85 5.13 -24.55
N PHE A 25 -9.00 5.44 -23.27
CA PHE A 25 -7.84 5.68 -22.39
C PHE A 25 -6.87 4.49 -22.32
N SER A 26 -7.45 3.34 -21.99
CA SER A 26 -6.70 2.11 -21.80
C SER A 26 -5.90 1.76 -23.04
N ALA A 27 -6.52 1.81 -24.21
CA ALA A 27 -5.79 1.33 -25.38
C ALA A 27 -4.41 1.98 -25.47
N ARG A 28 -4.32 3.24 -25.03
CA ARG A 28 -3.14 4.08 -25.28
C ARG A 28 -2.42 4.48 -23.99
N GLY A 29 -2.90 3.93 -22.87
CA GLY A 29 -2.17 3.98 -21.63
C GLY A 29 -2.27 5.33 -20.99
N TYR A 30 -3.29 6.10 -21.39
CA TYR A 30 -3.62 7.38 -20.77
C TYR A 30 -4.05 7.18 -19.33
N ASN A 31 -3.68 8.13 -18.51
CA ASN A 31 -3.93 8.08 -17.09
C ASN A 31 -5.36 8.54 -16.84
N ILE A 32 -6.04 7.82 -15.96
CA ILE A 32 -7.27 8.29 -15.40
C ILE A 32 -7.01 8.37 -13.91
N GLU A 33 -6.99 9.56 -13.36
CA GLU A 33 -6.69 9.62 -11.95
C GLU A 33 -7.94 9.20 -11.20
N SER A 34 -9.06 9.79 -11.62
CA SER A 34 -10.34 9.60 -10.94
C SER A 34 -11.50 9.87 -11.93
N LEU A 35 -12.67 9.32 -11.65
CA LEU A 35 -13.76 9.44 -12.58
C LEU A 35 -15.11 9.43 -11.85
N SER A 36 -15.92 10.45 -12.11
CA SER A 36 -17.31 10.53 -11.68
C SER A 36 -18.27 10.58 -12.85
N VAL A 37 -19.34 9.81 -12.79
CA VAL A 37 -20.38 9.91 -13.79
C VAL A 37 -21.74 9.61 -13.12
N ALA A 38 -22.79 10.32 -13.49
CA ALA A 38 -24.15 10.07 -12.96
C ALA A 38 -25.11 10.83 -13.85
N PRO A 39 -26.41 10.47 -13.81
CA PRO A 39 -27.35 11.11 -14.75
C PRO A 39 -27.50 12.61 -14.49
N THR A 40 -27.84 13.36 -15.52
CA THR A 40 -28.18 14.77 -15.35
C THR A 40 -29.70 14.91 -15.18
N GLU A 41 -30.13 16.17 -15.07
N GLU A 41 -30.23 16.13 -15.05
CA GLU A 41 -31.51 16.62 -15.18
CA GLU A 41 -31.71 16.25 -14.99
C GLU A 41 -32.29 15.77 -16.17
C GLU A 41 -32.34 16.20 -16.40
N ASP A 42 -31.64 15.52 -17.31
CA ASP A 42 -32.21 14.87 -18.50
C ASP A 42 -31.63 13.44 -18.51
N PRO A 43 -32.49 12.42 -18.32
CA PRO A 43 -32.04 11.05 -18.02
C PRO A 43 -31.44 10.34 -19.21
N THR A 44 -31.51 10.94 -20.39
CA THR A 44 -30.81 10.33 -21.54
C THR A 44 -29.32 10.63 -21.51
N LEU A 45 -28.95 11.67 -20.76
CA LEU A 45 -27.57 12.18 -20.71
C LEU A 45 -26.98 12.15 -19.31
N SER A 46 -25.75 11.65 -19.24
CA SER A 46 -25.00 11.64 -18.00
C SER A 46 -23.86 12.63 -18.07
N ARG A 47 -23.38 13.06 -16.91
CA ARG A 47 -22.32 14.06 -16.82
C ARG A 47 -21.11 13.38 -16.23
N MSE A 48 -20.02 13.43 -16.95
CA MSE A 48 -18.85 12.78 -16.45
C MSE A 48 -17.83 13.83 -16.14
O MSE A 48 -17.61 14.76 -16.91
CB MSE A 48 -18.29 11.82 -17.47
CG MSE A 48 -17.03 11.12 -17.01
SE MSE A 48 -16.45 9.77 -18.36
CE MSE A 48 -18.12 8.64 -18.45
N THR A 49 -17.19 13.64 -14.99
CA THR A 49 -16.05 14.43 -14.64
C THR A 49 -14.88 13.47 -14.51
N LEU A 50 -13.87 13.68 -15.33
CA LEU A 50 -12.74 12.86 -15.35
C LEU A 50 -11.45 13.69 -15.11
N VAL A 51 -10.55 13.17 -14.28
CA VAL A 51 -9.29 13.86 -14.05
C VAL A 51 -8.18 13.05 -14.69
N THR A 52 -7.36 13.72 -15.48
CA THR A 52 -6.20 13.11 -16.09
C THR A 52 -4.91 13.94 -15.90
N ASN A 53 -3.76 13.26 -15.97
CA ASN A 53 -2.49 13.89 -15.69
C ASN A 53 -1.58 13.79 -16.89
N GLY A 54 -1.25 14.94 -17.48
CA GLY A 54 -0.29 14.93 -18.58
C GLY A 54 0.14 16.27 -19.13
N PRO A 55 1.11 16.26 -20.05
CA PRO A 55 1.44 17.46 -20.80
C PRO A 55 0.29 17.84 -21.70
N ASP A 56 0.19 19.12 -22.03
CA ASP A 56 -0.94 19.64 -22.80
C ASP A 56 -1.28 18.87 -24.07
N GLU A 57 -0.23 18.51 -24.82
CA GLU A 57 -0.37 17.88 -26.14
C GLU A 57 -0.97 16.48 -26.01
N ILE A 58 -0.82 15.87 -24.82
CA ILE A 58 -1.48 14.59 -24.60
C ILE A 58 -2.95 14.86 -24.34
N VAL A 59 -3.25 15.78 -23.43
CA VAL A 59 -4.64 16.10 -23.12
C VAL A 59 -5.44 16.52 -24.35
N GLU A 60 -4.90 17.46 -25.11
CA GLU A 60 -5.53 17.85 -26.37
C GLU A 60 -5.81 16.62 -27.31
N GLN A 61 -4.95 15.61 -27.30
CA GLN A 61 -5.19 14.42 -28.14
C GLN A 61 -6.26 13.48 -27.59
N ILE A 62 -6.30 13.36 -26.26
CA ILE A 62 -7.35 12.63 -25.58
C ILE A 62 -8.71 13.30 -25.86
N THR A 63 -8.68 14.63 -25.79
CA THR A 63 -9.82 15.49 -26.02
C THR A 63 -10.27 15.38 -27.47
N LYS A 64 -9.31 15.35 -28.38
CA LYS A 64 -9.63 15.15 -29.76
C LYS A 64 -10.32 13.77 -29.90
N GLN A 65 -9.66 12.71 -29.42
CA GLN A 65 -10.26 11.38 -29.55
C GLN A 65 -11.61 11.26 -28.86
N LEU A 66 -11.80 11.90 -27.71
CA LEU A 66 -13.08 11.75 -27.01
C LEU A 66 -14.25 12.33 -27.80
N ASN A 67 -14.03 13.49 -28.40
CA ASN A 67 -15.08 14.15 -29.16
C ASN A 67 -15.54 13.33 -30.34
N LYS A 68 -14.62 12.53 -30.89
CA LYS A 68 -14.91 11.67 -32.03
C LYS A 68 -15.94 10.60 -31.68
N LEU A 69 -15.94 10.11 -30.43
CA LEU A 69 -16.92 9.11 -30.00
C LEU A 69 -18.29 9.68 -30.19
N ILE A 70 -19.22 8.93 -30.79
CA ILE A 70 -20.60 9.47 -30.95
C ILE A 70 -21.39 9.62 -29.61
N GLU A 71 -20.99 8.89 -28.59
N GLU A 71 -20.97 8.87 -28.61
CA GLU A 71 -21.71 8.93 -27.31
CA GLU A 71 -21.61 8.86 -27.31
C GLU A 71 -21.29 10.11 -26.43
C GLU A 71 -21.37 10.19 -26.59
N VAL A 72 -20.19 10.77 -26.83
CA VAL A 72 -19.74 11.98 -26.20
C VAL A 72 -20.33 13.18 -26.95
N VAL A 73 -21.13 13.97 -26.25
CA VAL A 73 -22.02 14.94 -26.90
C VAL A 73 -21.47 16.38 -26.85
N LYS A 74 -21.03 16.79 -25.66
CA LYS A 74 -20.31 18.03 -25.45
C LYS A 74 -19.15 17.71 -24.51
N LEU A 75 -18.17 18.61 -24.43
CA LEU A 75 -16.94 18.34 -23.71
C LEU A 75 -16.17 19.64 -23.54
N ILE A 76 -15.71 19.89 -22.33
CA ILE A 76 -14.85 21.02 -22.03
C ILE A 76 -13.72 20.59 -21.11
N ASP A 77 -12.54 21.19 -21.27
CA ASP A 77 -11.52 21.10 -20.26
C ASP A 77 -11.99 22.13 -19.25
N LEU A 78 -12.60 21.63 -18.18
CA LEU A 78 -13.10 22.48 -17.15
C LEU A 78 -12.02 23.37 -16.59
N SER A 79 -10.76 22.90 -16.60
CA SER A 79 -9.63 23.58 -15.96
C SER A 79 -9.20 24.84 -16.69
N SER A 80 -9.60 24.98 -17.96
CA SER A 80 -9.23 26.14 -18.76
C SER A 80 -10.15 27.33 -18.58
N GLU A 81 -11.03 27.27 -17.59
CA GLU A 81 -11.88 28.43 -17.33
C GLU A 81 -12.17 28.47 -15.81
N GLY A 82 -12.89 29.46 -15.30
CA GLY A 82 -13.27 29.45 -13.88
C GLY A 82 -14.15 28.22 -13.60
N TYR A 83 -13.96 27.55 -12.46
CA TYR A 83 -14.77 26.38 -12.13
C TYR A 83 -14.85 26.17 -10.63
N VAL A 84 -15.75 25.31 -10.20
CA VAL A 84 -15.75 24.91 -8.83
C VAL A 84 -15.68 23.43 -8.78
N GLU A 85 -14.91 22.89 -7.84
CA GLU A 85 -14.89 21.45 -7.69
C GLU A 85 -15.00 21.04 -6.25
N ARG A 86 -15.63 19.87 -6.07
CA ARG A 86 -15.80 19.24 -4.77
C ARG A 86 -15.65 17.78 -4.89
N GLU A 87 -15.15 17.19 -3.83
CA GLU A 87 -15.09 15.76 -3.78
C GLU A 87 -15.67 15.33 -2.45
N LEU A 88 -16.24 14.13 -2.43
CA LEU A 88 -16.64 13.52 -1.17
C LEU A 88 -15.78 12.30 -0.83
N MSE A 89 -15.49 12.13 0.43
CA MSE A 89 -14.68 11.04 0.88
C MSE A 89 -15.20 10.47 2.19
O MSE A 89 -15.60 11.20 3.10
CB MSE A 89 -13.25 11.52 1.02
CG MSE A 89 -12.36 10.58 1.71
SE MSE A 89 -10.48 11.25 1.63
CE MSE A 89 -10.64 12.76 2.86
N LEU A 90 -15.16 9.16 2.25
CA LEU A 90 -15.42 8.38 3.45
C LEU A 90 -14.13 7.65 3.89
N VAL A 91 -13.68 7.95 5.11
CA VAL A 91 -12.45 7.41 5.67
C VAL A 91 -12.80 6.62 6.92
N LYS A 92 -12.56 5.31 6.90
CA LYS A 92 -12.80 4.51 8.12
C LYS A 92 -11.49 4.36 8.87
N VAL A 93 -11.47 4.75 10.13
CA VAL A 93 -10.25 4.87 10.91
C VAL A 93 -10.39 4.11 12.20
N ARG A 94 -9.28 3.51 12.62
CA ARG A 94 -9.15 2.83 13.85
C ARG A 94 -9.09 3.93 14.90
N ALA A 95 -9.90 3.82 15.95
CA ALA A 95 -9.96 4.88 16.91
C ALA A 95 -10.17 4.30 18.29
N VAL A 96 -9.05 4.04 18.97
CA VAL A 96 -9.05 3.53 20.33
C VAL A 96 -8.13 4.36 21.25
N GLY A 97 -8.54 4.47 22.53
CA GLY A 97 -7.90 5.33 23.52
C GLY A 97 -7.78 6.77 23.08
N LYS A 98 -6.58 7.31 23.26
CA LYS A 98 -6.40 8.72 22.99
C LYS A 98 -6.64 9.05 21.51
N ASP A 99 -6.61 8.05 20.64
CA ASP A 99 -6.79 8.33 19.22
C ASP A 99 -8.23 8.64 18.91
N ARG A 100 -9.12 8.26 19.82
CA ARG A 100 -10.51 8.64 19.72
C ARG A 100 -10.67 10.14 19.81
N GLU A 101 -9.95 10.78 20.72
CA GLU A 101 -10.03 12.22 20.85
C GLU A 101 -9.38 12.87 19.62
N GLU A 102 -8.21 12.34 19.21
CA GLU A 102 -7.47 12.88 18.10
C GLU A 102 -8.27 12.89 16.79
N MSE A 103 -8.86 11.73 16.47
CA MSE A 103 -9.70 11.54 15.27
C MSE A 103 -10.90 12.43 15.34
O MSE A 103 -11.31 12.97 14.32
CB MSE A 103 -10.17 10.10 15.11
CG MSE A 103 -9.11 9.11 14.77
SE MSE A 103 -8.15 9.53 13.10
CE MSE A 103 -6.71 10.69 13.79
N LYS A 104 -11.50 12.59 16.51
CA LYS A 104 -12.61 13.53 16.63
C LYS A 104 -12.12 14.98 16.39
N ARG A 105 -10.98 15.36 16.97
CA ARG A 105 -10.43 16.72 16.68
C ARG A 105 -10.20 16.97 15.19
N LEU A 106 -9.64 15.97 14.46
CA LEU A 106 -9.38 16.09 13.02
C LEU A 106 -10.65 16.18 12.24
N ALA A 107 -11.61 15.33 12.58
CA ALA A 107 -12.92 15.47 11.95
C ALA A 107 -13.40 16.94 12.13
N ASP A 108 -13.43 17.47 13.36
CA ASP A 108 -13.98 18.83 13.55
C ASP A 108 -13.18 19.88 12.80
N ILE A 109 -11.87 19.74 12.82
CA ILE A 109 -11.01 20.74 12.18
C ILE A 109 -11.32 20.84 10.67
N PHE A 110 -11.48 19.70 10.01
CA PHE A 110 -11.78 19.63 8.58
C PHE A 110 -13.27 19.69 8.33
N ARG A 111 -14.06 19.95 9.36
CA ARG A 111 -15.52 20.05 9.19
C ARG A 111 -16.10 18.80 8.57
N GLY A 112 -15.60 17.62 8.92
CA GLY A 112 -16.23 16.39 8.47
C GLY A 112 -17.27 15.89 9.47
N ASN A 113 -17.91 14.75 9.19
CA ASN A 113 -18.87 14.28 10.17
C ASN A 113 -18.67 12.80 10.37
N ILE A 114 -18.76 12.35 11.61
CA ILE A 114 -18.69 10.96 11.86
C ILE A 114 -20.06 10.35 11.56
N ILE A 115 -20.07 9.36 10.67
CA ILE A 115 -21.35 8.76 10.29
C ILE A 115 -21.49 7.27 10.60
N ASP A 116 -20.53 6.69 11.30
CA ASP A 116 -20.55 5.30 11.71
C ASP A 116 -19.66 5.22 12.90
N VAL A 117 -20.11 4.57 13.96
CA VAL A 117 -19.26 4.57 15.13
C VAL A 117 -19.37 3.32 15.94
N THR A 118 -18.21 2.73 16.28
CA THR A 118 -18.13 1.69 17.34
C THR A 118 -17.09 2.12 18.39
N ASN A 119 -17.00 1.31 19.44
CA ASN A 119 -15.97 1.46 20.46
C ASN A 119 -14.52 1.57 19.96
N GLU A 120 -14.24 1.08 18.73
CA GLU A 120 -12.87 1.01 18.24
C GLU A 120 -12.71 1.66 16.89
N LEU A 121 -13.80 2.12 16.30
CA LEU A 121 -13.67 2.81 15.01
C LEU A 121 -14.61 4.01 14.72
N TYR A 122 -14.22 4.82 13.75
CA TYR A 122 -15.09 5.87 13.24
C TYR A 122 -15.10 5.80 11.73
N THR A 123 -16.24 6.09 11.12
CA THR A 123 -16.22 6.39 9.71
C THR A 123 -16.50 7.86 9.55
N ILE A 124 -15.56 8.58 8.95
CA ILE A 124 -15.64 10.06 8.80
C ILE A 124 -16.00 10.49 7.39
N GLU A 125 -16.95 11.41 7.26
CA GLU A 125 -17.37 11.92 5.97
C GLU A 125 -16.78 13.31 5.76
N LEU A 126 -16.07 13.49 4.64
CA LEU A 126 -15.42 14.77 4.32
C LEU A 126 -15.82 15.24 2.94
N THR A 127 -16.05 16.54 2.78
CA THR A 127 -16.27 17.13 1.49
C THR A 127 -15.42 18.40 1.40
N GLY A 128 -14.93 18.71 0.21
CA GLY A 128 -14.05 19.87 0.04
C GLY A 128 -13.39 19.82 -1.32
N THR A 129 -12.44 20.71 -1.53
CA THR A 129 -11.60 20.66 -2.74
C THR A 129 -10.64 19.46 -2.62
N ARG A 130 -9.92 19.17 -3.70
CA ARG A 130 -8.81 18.23 -3.69
C ARG A 130 -7.86 18.49 -2.51
N SER A 131 -7.45 19.73 -2.32
CA SER A 131 -6.39 19.97 -1.34
C SER A 131 -6.87 19.79 0.08
N LYS A 132 -8.12 20.13 0.34
CA LYS A 132 -8.67 19.90 1.66
C LYS A 132 -8.63 18.41 1.99
N LEU A 133 -9.05 17.57 1.04
CA LEU A 133 -9.16 16.13 1.31
C LEU A 133 -7.79 15.55 1.39
N ASP A 134 -6.90 16.01 0.51
CA ASP A 134 -5.50 15.62 0.61
C ASP A 134 -4.87 16.07 1.95
N GLY A 135 -5.26 17.23 2.47
CA GLY A 135 -4.71 17.76 3.72
C GLY A 135 -5.15 16.92 4.91
N PHE A 136 -6.40 16.48 4.86
CA PHE A 136 -6.88 15.50 5.80
C PHE A 136 -6.02 14.24 5.79
N LEU A 137 -5.78 13.65 4.64
CA LEU A 137 -5.00 12.42 4.59
C LEU A 137 -3.57 12.62 5.00
N GLN A 138 -2.94 13.75 4.67
CA GLN A 138 -1.58 14.04 5.17
C GLN A 138 -1.60 14.08 6.70
N ALA A 139 -2.66 14.67 7.24
CA ALA A 139 -2.76 14.90 8.67
C ALA A 139 -3.05 13.63 9.45
N VAL A 140 -3.79 12.68 8.90
CA VAL A 140 -4.04 11.43 9.63
C VAL A 140 -2.83 10.51 9.61
N ASP A 141 -2.61 9.75 10.68
CA ASP A 141 -1.54 8.74 10.63
C ASP A 141 -2.08 7.64 9.72
N CYS A 142 -1.28 7.24 8.74
N CYS A 142 -1.30 7.24 8.72
CA CYS A 142 -1.66 6.20 7.76
CA CYS A 142 -1.72 6.21 7.77
C CYS A 142 -2.05 4.88 8.41
C CYS A 142 -2.07 4.87 8.42
N ASN A 143 -1.29 4.45 9.42
CA ASN A 143 -1.56 3.17 10.13
C ASN A 143 -2.98 3.11 10.72
N LEU A 144 -3.55 4.28 11.03
CA LEU A 144 -4.94 4.37 11.43
C LEU A 144 -5.91 4.13 10.31
N ILE A 145 -5.54 4.32 9.05
CA ILE A 145 -6.63 4.24 8.10
C ILE A 145 -7.02 2.79 7.83
N LEU A 146 -8.27 2.43 8.06
CA LEU A 146 -8.68 1.05 7.71
C LEU A 146 -9.03 0.86 6.24
N GLU A 147 -9.80 1.81 5.69
CA GLU A 147 -10.09 1.88 4.23
C GLU A 147 -10.70 3.27 3.95
N ILE A 148 -10.84 3.59 2.69
CA ILE A 148 -11.24 4.92 2.22
C ILE A 148 -12.08 4.76 0.94
N ALA A 149 -13.17 5.51 0.84
CA ALA A 149 -13.98 5.56 -0.37
C ALA A 149 -14.25 7.02 -0.67
N ARG A 150 -13.83 7.37 -1.87
CA ARG A 150 -13.56 8.70 -2.28
C ARG A 150 -14.14 8.77 -3.65
N THR A 151 -15.02 9.76 -3.85
CA THR A 151 -15.96 9.77 -5.00
C THR A 151 -15.36 10.28 -6.28
N GLY A 152 -14.14 10.82 -6.22
CA GLY A 152 -13.63 11.52 -7.39
C GLY A 152 -14.39 12.82 -7.63
N VAL A 153 -13.68 13.77 -8.21
CA VAL A 153 -14.13 15.15 -8.36
C VAL A 153 -15.44 15.29 -9.10
N SER A 154 -16.21 16.25 -8.66
CA SER A 154 -17.31 16.69 -9.42
C SER A 154 -17.18 18.22 -9.56
N GLY A 155 -17.27 18.73 -10.79
CA GLY A 155 -17.10 20.16 -11.04
C GLY A 155 -18.08 20.81 -11.99
N LEU A 156 -18.17 22.12 -11.89
CA LEU A 156 -18.99 22.90 -12.80
C LEU A 156 -18.19 24.16 -13.11
N SER A 157 -18.41 24.74 -14.29
CA SER A 157 -17.89 26.06 -14.62
C SER A 157 -18.48 27.13 -13.71
N ARG A 158 -17.74 28.21 -13.46
CA ARG A 158 -18.26 29.33 -12.69
C ARG A 158 -19.22 30.11 -13.54
N GLY A 159 -20.25 30.65 -12.91
CA GLY A 159 -21.09 31.63 -13.55
C GLY A 159 -22.01 31.01 -14.56
N GLU A 160 -22.35 31.80 -15.55
CA GLU A 160 -23.29 31.41 -16.58
C GLU A 160 -22.81 30.26 -17.48
N ARG A 161 -21.51 30.00 -17.56
CA ARG A 161 -21.07 28.93 -18.47
C ARG A 161 -21.69 27.56 -18.09
N VAL A 162 -22.40 26.95 -19.05
CA VAL A 162 -22.93 25.62 -18.83
C VAL A 162 -22.49 24.66 -19.94
N LEU A 163 -22.31 23.39 -19.60
CA LEU A 163 -21.80 22.43 -20.58
C LEU A 163 -22.78 22.14 -21.72
N LYS A 164 -24.06 21.99 -21.43
CA LYS A 164 -25.03 21.61 -22.47
C LYS A 164 -25.21 22.65 -23.61
N LEU A 165 -24.79 23.90 -23.37
CA LEU A 165 -24.99 25.00 -24.35
C LEU A 165 -23.69 25.29 -25.08
N MSE B 3 9.44 -21.46 -9.41
CA MSE B 3 8.69 -21.75 -8.14
C MSE B 3 9.04 -20.73 -7.03
O MSE B 3 8.21 -19.89 -6.67
CB MSE B 3 8.88 -23.21 -7.67
N ARG B 4 10.26 -20.81 -6.49
CA ARG B 4 10.74 -19.77 -5.60
C ARG B 4 11.28 -18.67 -6.50
N HIS B 5 11.09 -17.43 -6.09
CA HIS B 5 11.62 -16.28 -6.81
C HIS B 5 12.24 -15.29 -5.85
N ILE B 6 13.48 -14.92 -6.14
CA ILE B 6 14.16 -13.98 -5.28
C ILE B 6 14.16 -12.64 -5.97
N ILE B 7 13.45 -11.69 -5.38
CA ILE B 7 13.35 -10.38 -5.96
C ILE B 7 14.29 -9.46 -5.19
N SER B 8 15.12 -8.74 -5.93
CA SER B 8 16.00 -7.76 -5.32
C SER B 8 15.61 -6.39 -5.79
N LEU B 9 15.52 -5.47 -4.85
CA LEU B 9 15.22 -4.13 -5.21
C LEU B 9 15.98 -3.10 -4.37
N LEU B 10 16.26 -1.94 -4.98
CA LEU B 10 16.70 -0.76 -4.27
C LEU B 10 15.52 0.14 -4.04
N MSE B 11 15.48 0.73 -2.85
CA MSE B 11 14.46 1.71 -2.52
C MSE B 11 15.02 2.81 -1.60
O MSE B 11 16.06 2.61 -0.95
CB MSE B 11 13.24 1.04 -1.89
CG MSE B 11 13.60 0.06 -0.79
SE MSE B 11 12.07 -0.37 0.38
CE MSE B 11 12.56 0.76 2.01
N GLU B 12 14.33 3.95 -1.58
CA GLU B 12 14.70 5.07 -0.72
C GLU B 12 14.78 4.62 0.72
N ASN B 13 15.81 5.06 1.45
CA ASN B 13 15.89 4.73 2.86
C ASN B 13 14.94 5.56 3.73
N GLU B 14 13.68 5.12 3.77
CA GLU B 14 12.62 5.71 4.62
C GLU B 14 11.66 4.58 5.05
N ALA B 15 11.04 4.77 6.21
CA ALA B 15 10.05 3.79 6.70
C ALA B 15 8.77 3.86 5.83
N GLY B 16 8.43 5.07 5.38
CA GLY B 16 7.37 5.24 4.37
C GLY B 16 7.47 4.14 3.32
N ALA B 17 8.67 4.04 2.72
CA ALA B 17 8.93 3.09 1.65
C ALA B 17 8.68 1.61 2.03
N LEU B 18 9.27 1.15 3.13
CA LEU B 18 8.99 -0.22 3.55
C LEU B 18 7.46 -0.43 3.71
N SER B 19 6.79 0.55 4.32
CA SER B 19 5.37 0.48 4.60
C SER B 19 4.52 0.27 3.36
N ARG B 20 4.80 1.07 2.35
CA ARG B 20 4.07 0.98 1.11
C ARG B 20 4.44 -0.24 0.30
N VAL B 21 5.71 -0.64 0.33
CA VAL B 21 6.08 -1.87 -0.36
C VAL B 21 5.31 -3.03 0.28
N ALA B 22 5.29 -3.07 1.61
CA ALA B 22 4.61 -4.16 2.29
C ALA B 22 3.09 -4.03 2.20
N GLY B 23 2.59 -2.80 2.22
CA GLY B 23 1.16 -2.57 2.08
C GLY B 23 0.65 -3.14 0.79
N LEU B 24 1.46 -3.01 -0.27
CA LEU B 24 1.18 -3.62 -1.55
C LEU B 24 0.91 -5.14 -1.42
N PHE B 25 1.93 -5.91 -1.02
CA PHE B 25 1.79 -7.35 -0.85
C PHE B 25 0.59 -7.68 0.03
N SER B 26 0.46 -6.94 1.12
CA SER B 26 -0.61 -7.14 2.08
C SER B 26 -2.02 -6.87 1.53
N ALA B 27 -2.19 -5.74 0.86
CA ALA B 27 -3.46 -5.39 0.28
C ALA B 27 -3.87 -6.38 -0.83
N ARG B 28 -2.89 -7.02 -1.46
CA ARG B 28 -3.20 -7.94 -2.55
C ARG B 28 -3.15 -9.42 -2.09
N GLY B 29 -2.69 -9.62 -0.86
CA GLY B 29 -2.55 -10.97 -0.29
C GLY B 29 -1.46 -11.79 -0.94
N TYR B 30 -0.44 -11.13 -1.51
CA TYR B 30 0.70 -11.82 -2.07
C TYR B 30 1.46 -12.44 -0.91
N ASN B 31 2.00 -13.63 -1.18
CA ASN B 31 2.87 -14.35 -0.23
C ASN B 31 4.32 -13.85 -0.17
N ILE B 32 4.73 -13.41 1.01
CA ILE B 32 6.15 -13.18 1.30
C ILE B 32 6.69 -14.28 2.20
N GLU B 33 7.62 -15.07 1.68
CA GLU B 33 8.18 -16.17 2.42
C GLU B 33 9.24 -15.65 3.37
N SER B 34 9.97 -14.63 2.94
CA SER B 34 11.00 -14.05 3.77
C SER B 34 11.41 -12.70 3.19
N LEU B 35 12.00 -11.85 4.02
CA LEU B 35 12.30 -10.50 3.62
C LEU B 35 13.47 -9.91 4.43
N SER B 36 14.40 -9.29 3.71
CA SER B 36 15.53 -8.63 4.30
C SER B 36 15.68 -7.25 3.70
N VAL B 37 15.98 -6.27 4.55
CA VAL B 37 16.08 -4.90 4.13
C VAL B 37 17.09 -4.18 5.03
N ALA B 38 18.02 -3.46 4.40
CA ALA B 38 19.01 -2.69 5.13
C ALA B 38 19.69 -1.75 4.19
N PRO B 39 20.41 -0.75 4.75
CA PRO B 39 21.11 0.25 3.93
C PRO B 39 22.22 -0.29 3.04
N THR B 40 22.41 0.34 1.89
CA THR B 40 23.49 0.01 1.00
C THR B 40 24.72 0.85 1.33
N GLU B 41 25.78 0.69 0.51
CA GLU B 41 26.98 1.57 0.52
C GLU B 41 26.51 2.98 0.65
N ASP B 42 25.46 3.27 -0.12
CA ASP B 42 24.85 4.59 -0.24
C ASP B 42 23.72 4.63 0.75
N PRO B 43 23.87 5.40 1.83
CA PRO B 43 22.86 5.32 2.89
C PRO B 43 21.50 5.98 2.57
N THR B 44 21.31 6.52 1.37
CA THR B 44 19.97 7.02 1.02
C THR B 44 19.20 5.93 0.32
N LEU B 45 19.84 4.80 0.17
CA LEU B 45 19.19 3.66 -0.45
C LEU B 45 19.29 2.38 0.37
N SER B 46 18.16 1.70 0.50
CA SER B 46 18.16 0.38 1.14
C SER B 46 18.05 -0.73 0.11
N ARG B 47 18.72 -1.84 0.36
CA ARG B 47 18.53 -2.97 -0.49
C ARG B 47 17.61 -3.98 0.14
N MSE B 48 16.64 -4.42 -0.65
CA MSE B 48 15.68 -5.38 -0.22
C MSE B 48 15.75 -6.67 -1.03
O MSE B 48 15.76 -6.65 -2.27
CB MSE B 48 14.27 -4.82 -0.31
CG MSE B 48 13.30 -5.58 0.58
SE MSE B 48 11.41 -5.09 0.30
CE MSE B 48 11.29 -3.35 1.22
N THR B 49 15.79 -7.79 -0.33
CA THR B 49 15.60 -9.11 -0.91
C THR B 49 14.30 -9.71 -0.41
N LEU B 50 13.50 -10.15 -1.38
CA LEU B 50 12.17 -10.64 -1.10
C LEU B 50 12.01 -11.98 -1.77
N VAL B 51 11.53 -12.94 -1.00
CA VAL B 51 11.34 -14.31 -1.46
C VAL B 51 9.84 -14.61 -1.55
N THR B 52 9.40 -14.91 -2.77
CA THR B 52 7.99 -15.18 -3.05
C THR B 52 7.82 -16.44 -3.90
N ASN B 53 6.69 -17.13 -3.67
CA ASN B 53 6.35 -18.34 -4.41
C ASN B 53 5.13 -18.17 -5.27
N GLY B 54 5.26 -18.52 -6.55
CA GLY B 54 4.13 -18.58 -7.48
C GLY B 54 4.48 -19.02 -8.90
N PRO B 55 3.44 -19.23 -9.75
CA PRO B 55 3.74 -19.36 -11.18
C PRO B 55 4.35 -18.06 -11.72
N ASP B 56 5.34 -18.24 -12.59
CA ASP B 56 6.01 -17.15 -13.28
C ASP B 56 5.08 -15.97 -13.66
N GLU B 57 3.81 -16.28 -13.99
CA GLU B 57 2.80 -15.29 -14.39
C GLU B 57 2.47 -14.27 -13.29
N ILE B 58 2.07 -14.77 -12.12
CA ILE B 58 1.75 -13.90 -10.99
C ILE B 58 3.00 -13.19 -10.46
N VAL B 59 4.19 -13.78 -10.68
CA VAL B 59 5.42 -13.13 -10.21
C VAL B 59 5.82 -11.95 -11.12
N GLU B 60 5.59 -12.12 -12.43
CA GLU B 60 5.69 -11.05 -13.42
C GLU B 60 4.75 -9.91 -13.08
N GLN B 61 3.62 -10.23 -12.45
CA GLN B 61 2.68 -9.16 -12.07
C GLN B 61 3.16 -8.41 -10.83
N ILE B 62 3.70 -9.13 -9.85
CA ILE B 62 4.21 -8.54 -8.59
C ILE B 62 5.28 -7.49 -8.88
N THR B 63 6.18 -7.81 -9.79
CA THR B 63 7.19 -6.87 -10.23
C THR B 63 6.60 -5.71 -11.05
N LYS B 64 5.49 -5.94 -11.72
CA LYS B 64 4.80 -4.86 -12.44
C LYS B 64 4.39 -3.74 -11.48
N GLN B 65 3.79 -4.13 -10.36
CA GLN B 65 3.29 -3.20 -9.35
C GLN B 65 4.40 -2.57 -8.51
N LEU B 66 5.47 -3.32 -8.23
CA LEU B 66 6.61 -2.78 -7.48
C LEU B 66 7.34 -1.69 -8.26
N ASN B 67 7.47 -1.87 -9.55
CA ASN B 67 7.93 -0.76 -10.40
C ASN B 67 7.04 0.51 -10.35
N LYS B 68 5.71 0.35 -10.40
CA LYS B 68 4.80 1.50 -10.28
C LYS B 68 5.18 2.35 -9.05
N LEU B 69 5.67 1.69 -8.00
CA LEU B 69 6.09 2.36 -6.78
C LEU B 69 7.26 3.34 -7.01
N ILE B 70 7.03 4.61 -6.67
CA ILE B 70 8.00 5.68 -6.89
C ILE B 70 9.29 5.53 -6.07
N GLU B 71 9.16 4.94 -4.88
CA GLU B 71 10.30 4.77 -4.00
C GLU B 71 11.19 3.59 -4.40
N VAL B 72 10.69 2.73 -5.27
CA VAL B 72 11.49 1.61 -5.76
C VAL B 72 12.16 2.03 -7.05
N VAL B 73 13.49 2.00 -7.10
CA VAL B 73 14.17 2.61 -8.26
C VAL B 73 14.97 1.64 -9.12
N LYS B 74 15.16 0.43 -8.62
CA LYS B 74 15.79 -0.67 -9.32
C LYS B 74 15.18 -1.96 -8.78
N LEU B 75 14.93 -2.90 -9.70
CA LEU B 75 14.44 -4.20 -9.33
C LEU B 75 15.00 -5.22 -10.30
N ILE B 76 15.26 -6.43 -9.81
CA ILE B 76 15.66 -7.56 -10.62
C ILE B 76 15.03 -8.81 -9.98
N ASP B 77 14.66 -9.78 -10.81
CA ASP B 77 14.43 -11.09 -10.31
C ASP B 77 15.81 -11.70 -10.30
N LEU B 78 16.38 -11.76 -9.10
CA LEU B 78 17.71 -12.29 -8.90
C LEU B 78 17.85 -13.70 -9.41
N SER B 79 16.78 -14.47 -9.25
CA SER B 79 16.81 -15.87 -9.60
C SER B 79 16.79 -16.12 -11.10
N SER B 80 16.82 -15.06 -11.91
CA SER B 80 16.86 -15.28 -13.36
C SER B 80 18.25 -15.34 -13.99
N GLU B 81 19.29 -14.96 -13.25
CA GLU B 81 20.66 -15.05 -13.73
C GLU B 81 21.37 -15.72 -12.60
N GLY B 82 22.71 -15.76 -12.67
CA GLY B 82 23.53 -16.39 -11.63
C GLY B 82 23.50 -15.57 -10.35
N TYR B 83 23.40 -16.26 -9.20
CA TYR B 83 23.32 -15.55 -7.94
C TYR B 83 23.84 -16.33 -6.75
N VAL B 84 24.18 -15.60 -5.70
CA VAL B 84 24.46 -16.16 -4.40
C VAL B 84 23.46 -15.68 -3.35
N GLU B 85 23.14 -16.55 -2.43
CA GLU B 85 22.19 -16.23 -1.40
C GLU B 85 22.68 -16.88 -0.13
N ARG B 86 22.53 -16.18 0.97
CA ARG B 86 22.87 -16.72 2.26
C ARG B 86 21.80 -16.25 3.20
N GLU B 87 21.62 -17.01 4.27
CA GLU B 87 20.75 -16.60 5.33
C GLU B 87 21.44 -16.90 6.63
N LEU B 88 21.14 -16.12 7.64
CA LEU B 88 21.64 -16.31 8.99
C LEU B 88 20.50 -16.83 9.84
N MSE B 89 20.78 -17.75 10.75
CA MSE B 89 19.78 -18.26 11.64
C MSE B 89 20.35 -18.44 13.03
O MSE B 89 21.45 -18.96 13.19
CB MSE B 89 19.34 -19.59 11.08
CG MSE B 89 18.40 -20.35 11.93
SE MSE B 89 17.77 -21.97 10.98
CE MSE B 89 19.30 -23.08 11.26
N LEU B 90 19.60 -18.05 14.04
CA LEU B 90 19.96 -18.36 15.45
C LEU B 90 19.02 -19.42 16.00
N VAL B 91 19.56 -20.59 16.35
CA VAL B 91 18.71 -21.63 16.90
C VAL B 91 19.01 -21.87 18.37
N LYS B 92 18.01 -21.65 19.22
CA LYS B 92 18.22 -21.97 20.64
C LYS B 92 17.71 -23.39 20.95
N VAL B 93 18.60 -24.26 21.40
CA VAL B 93 18.25 -25.66 21.60
C VAL B 93 18.39 -26.10 23.05
N ARG B 94 17.50 -26.99 23.49
CA ARG B 94 17.60 -27.68 24.80
C ARG B 94 18.74 -28.67 24.67
N ALA B 95 19.77 -28.52 25.50
CA ALA B 95 20.96 -29.36 25.36
C ALA B 95 21.40 -29.87 26.72
N VAL B 96 20.91 -31.08 27.04
CA VAL B 96 21.08 -31.78 28.32
C VAL B 96 21.73 -33.13 27.99
N GLY B 97 22.58 -33.64 28.88
CA GLY B 97 23.24 -34.96 28.71
C GLY B 97 24.01 -35.17 27.42
N LYS B 98 23.70 -36.27 26.74
CA LYS B 98 24.40 -36.63 25.49
C LYS B 98 24.10 -35.66 24.35
N ASP B 99 23.05 -34.85 24.47
CA ASP B 99 22.73 -33.93 23.39
C ASP B 99 23.70 -32.79 23.30
N ARG B 100 24.41 -32.53 24.39
CA ARG B 100 25.36 -31.45 24.34
C ARG B 100 26.41 -31.81 23.29
N GLU B 101 26.96 -32.98 23.41
CA GLU B 101 27.92 -33.46 22.46
C GLU B 101 27.32 -33.45 21.02
N GLU B 102 26.08 -33.89 20.85
CA GLU B 102 25.41 -33.91 19.54
C GLU B 102 25.20 -32.52 18.93
N MSE B 103 24.71 -31.58 19.72
CA MSE B 103 24.51 -30.23 19.23
C MSE B 103 25.83 -29.63 18.76
O MSE B 103 25.90 -28.92 17.74
CB MSE B 103 23.88 -29.33 20.31
CG MSE B 103 22.42 -29.67 20.67
SE MSE B 103 21.32 -29.72 19.06
CE MSE B 103 19.60 -30.27 19.78
N LYS B 104 26.89 -29.95 19.49
CA LYS B 104 28.19 -29.40 19.21
C LYS B 104 28.64 -29.97 17.86
N ARG B 105 28.50 -31.29 17.69
CA ARG B 105 28.88 -31.94 16.42
C ARG B 105 28.12 -31.32 15.25
N LEU B 106 26.79 -31.19 15.37
CA LEU B 106 26.02 -30.52 14.33
C LEU B 106 26.54 -29.11 14.05
N ALA B 107 26.68 -28.30 15.11
CA ALA B 107 27.28 -26.95 14.98
C ALA B 107 28.58 -27.04 14.16
N ASP B 108 29.52 -27.91 14.55
CA ASP B 108 30.74 -28.12 13.77
C ASP B 108 30.56 -28.57 12.35
N ILE B 109 29.71 -29.56 12.11
CA ILE B 109 29.53 -30.12 10.78
C ILE B 109 29.05 -29.06 9.81
N PHE B 110 28.11 -28.23 10.24
CA PHE B 110 27.52 -27.17 9.43
C PHE B 110 28.29 -25.86 9.55
N ARG B 111 29.48 -25.92 10.12
CA ARG B 111 30.27 -24.72 10.39
C ARG B 111 29.58 -23.62 11.13
N GLY B 112 28.70 -23.95 12.05
CA GLY B 112 28.20 -22.95 12.95
C GLY B 112 29.08 -22.66 14.16
N ASN B 113 28.52 -21.86 15.06
CA ASN B 113 29.18 -21.44 16.30
C ASN B 113 28.14 -21.34 17.38
N ILE B 114 28.47 -21.83 18.55
CA ILE B 114 27.57 -21.72 19.68
C ILE B 114 27.83 -20.35 20.30
N ILE B 115 26.78 -19.57 20.58
CA ILE B 115 27.05 -18.21 21.05
C ILE B 115 26.40 -17.90 22.38
N ASP B 116 25.77 -18.88 23.00
CA ASP B 116 25.21 -18.71 24.32
C ASP B 116 25.19 -20.08 24.87
N VAL B 117 25.72 -20.25 26.07
CA VAL B 117 25.70 -21.56 26.68
C VAL B 117 25.31 -21.48 28.16
N THR B 118 24.34 -22.31 28.55
CA THR B 118 24.16 -22.64 29.97
C THR B 118 24.28 -24.15 30.12
N ASN B 119 24.12 -24.63 31.35
CA ASN B 119 24.16 -26.05 31.67
C ASN B 119 23.14 -26.86 30.91
N GLU B 120 22.11 -26.19 30.36
CA GLU B 120 20.97 -26.86 29.75
C GLU B 120 20.62 -26.34 28.34
N LEU B 121 21.34 -25.34 27.86
CA LEU B 121 21.06 -24.87 26.52
C LEU B 121 22.26 -24.33 25.76
N TYR B 122 22.13 -24.30 24.42
CA TYR B 122 23.05 -23.66 23.50
C TYR B 122 22.19 -22.79 22.57
N THR B 123 22.70 -21.65 22.17
CA THR B 123 22.17 -20.96 21.03
C THR B 123 23.22 -21.07 19.97
N ILE B 124 22.84 -21.67 18.84
CA ILE B 124 23.75 -21.89 17.72
C ILE B 124 23.46 -20.89 16.63
N GLU B 125 24.52 -20.24 16.16
CA GLU B 125 24.46 -19.39 14.98
C GLU B 125 24.86 -20.17 13.75
N LEU B 126 24.04 -20.05 12.74
CA LEU B 126 24.25 -20.85 11.56
C LEU B 126 23.95 -20.00 10.33
N THR B 127 24.77 -20.21 9.30
CA THR B 127 24.76 -19.45 8.06
C THR B 127 24.82 -20.32 6.80
N GLY B 128 24.07 -19.99 5.76
CA GLY B 128 24.17 -20.76 4.52
C GLY B 128 23.05 -20.48 3.54
N THR B 129 23.03 -21.24 2.44
CA THR B 129 21.93 -21.26 1.49
C THR B 129 20.71 -21.82 2.23
N ARG B 130 19.51 -21.48 1.79
CA ARG B 130 18.26 -22.19 2.19
C ARG B 130 18.41 -23.69 2.46
N SER B 131 18.92 -24.43 1.49
CA SER B 131 18.97 -25.86 1.69
C SER B 131 19.95 -26.25 2.80
N LYS B 132 20.95 -25.42 3.03
CA LYS B 132 21.89 -25.70 4.10
C LYS B 132 21.17 -25.61 5.46
N LEU B 133 20.51 -24.48 5.68
CA LEU B 133 19.83 -24.25 6.93
C LEU B 133 18.72 -25.29 7.11
N ASP B 134 17.89 -25.46 6.09
CA ASP B 134 16.88 -26.50 6.15
C ASP B 134 17.52 -27.80 6.55
N GLY B 135 18.71 -28.09 6.02
CA GLY B 135 19.37 -29.36 6.28
C GLY B 135 19.74 -29.45 7.76
N PHE B 136 20.17 -28.34 8.33
CA PHE B 136 20.41 -28.33 9.76
C PHE B 136 19.11 -28.64 10.51
N LEU B 137 17.99 -28.02 10.14
CA LEU B 137 16.74 -28.29 10.83
C LEU B 137 16.23 -29.72 10.60
N GLN B 138 16.51 -30.35 9.47
CA GLN B 138 16.14 -31.76 9.30
C GLN B 138 16.86 -32.57 10.38
N ALA B 139 18.07 -32.15 10.76
CA ALA B 139 18.96 -33.04 11.49
C ALA B 139 18.79 -33.04 13.01
N VAL B 140 18.38 -31.91 13.59
CA VAL B 140 18.02 -31.85 15.03
C VAL B 140 16.61 -32.32 15.31
N ASP B 141 16.32 -32.76 16.53
CA ASP B 141 14.93 -33.02 16.96
C ASP B 141 14.23 -31.72 17.04
N CYS B 142 13.02 -31.64 16.53
CA CYS B 142 12.36 -30.36 16.63
C CYS B 142 11.86 -30.07 18.07
N ASN B 143 11.75 -31.11 18.92
CA ASN B 143 11.36 -30.84 20.30
C ASN B 143 12.48 -30.33 21.21
N LEU B 144 13.68 -30.12 20.67
CA LEU B 144 14.75 -29.54 21.45
C LEU B 144 14.90 -28.11 21.03
N ILE B 145 14.26 -27.71 19.93
CA ILE B 145 14.33 -26.31 19.51
C ILE B 145 13.50 -25.48 20.45
N LEU B 146 14.14 -24.58 21.20
CA LEU B 146 13.35 -23.70 22.06
C LEU B 146 12.82 -22.50 21.32
N GLU B 147 13.62 -21.96 20.39
CA GLU B 147 13.19 -20.83 19.51
C GLU B 147 14.25 -20.56 18.44
N ILE B 148 13.81 -19.93 17.35
CA ILE B 148 14.69 -19.63 16.22
C ILE B 148 14.59 -18.14 15.85
N ALA B 149 15.65 -17.57 15.33
CA ALA B 149 15.61 -16.24 14.73
C ALA B 149 16.31 -16.35 13.37
N ARG B 150 15.58 -16.08 12.30
CA ARG B 150 16.03 -16.38 10.95
C ARG B 150 15.87 -15.07 10.17
N THR B 151 16.88 -14.69 9.38
CA THR B 151 17.02 -13.28 8.93
C THR B 151 16.47 -12.97 7.58
N GLY B 152 15.86 -13.96 6.92
CA GLY B 152 15.45 -13.73 5.53
C GLY B 152 16.71 -13.77 4.66
N VAL B 153 16.52 -14.29 3.46
CA VAL B 153 17.55 -14.38 2.46
C VAL B 153 18.07 -13.00 2.11
N SER B 154 19.37 -12.89 1.89
CA SER B 154 19.92 -11.74 1.16
C SER B 154 20.78 -12.29 0.03
N GLY B 155 20.76 -11.63 -1.12
CA GLY B 155 21.48 -12.15 -2.26
C GLY B 155 22.03 -11.12 -3.19
N LEU B 156 23.04 -11.54 -3.93
CA LEU B 156 23.61 -10.73 -5.02
C LEU B 156 23.74 -11.56 -6.28
N SER B 157 23.70 -10.91 -7.44
CA SER B 157 24.11 -11.60 -8.67
C SER B 157 25.58 -12.07 -8.56
N ARG B 158 25.90 -13.17 -9.24
CA ARG B 158 27.30 -13.55 -9.47
C ARG B 158 28.02 -12.60 -10.45
N GLY B 159 29.35 -12.62 -10.37
CA GLY B 159 30.21 -11.77 -11.17
C GLY B 159 29.78 -10.32 -11.24
N GLU B 160 30.01 -9.71 -12.39
CA GLU B 160 29.83 -8.26 -12.62
C GLU B 160 28.42 -7.67 -12.56
N ARG B 161 27.37 -8.42 -12.94
CA ARG B 161 25.99 -7.99 -12.69
C ARG B 161 25.83 -7.28 -11.34
N VAL B 162 25.39 -6.05 -11.35
CA VAL B 162 25.27 -5.25 -10.15
C VAL B 162 23.90 -4.57 -10.22
N LEU B 163 23.18 -4.59 -9.10
CA LEU B 163 21.81 -4.15 -9.11
C LEU B 163 21.69 -2.70 -9.53
N LYS B 164 22.49 -1.84 -8.91
CA LYS B 164 22.43 -0.40 -9.17
C LYS B 164 22.81 -0.01 -10.61
N LEU B 165 23.42 -0.92 -11.36
CA LEU B 165 23.84 -0.64 -12.76
C LEU B 165 22.98 -1.38 -13.78
N HIS C 2 -35.29 -8.31 -9.91
CA HIS C 2 -35.36 -7.21 -8.88
C HIS C 2 -34.53 -5.93 -9.27
N MSE C 3 -33.54 -5.58 -8.40
CA MSE C 3 -33.50 -4.10 -7.91
C MSE C 3 -32.16 -3.30 -7.97
O MSE C 3 -31.26 -3.56 -8.79
CB MSE C 3 -34.05 -4.07 -6.43
N ARG C 4 -32.04 -2.33 -7.07
CA ARG C 4 -30.85 -1.50 -6.94
C ARG C 4 -29.73 -2.26 -6.23
N HIS C 5 -28.56 -2.30 -6.85
CA HIS C 5 -27.36 -2.93 -6.25
C HIS C 5 -26.15 -1.99 -6.25
N ILE C 6 -25.45 -1.97 -5.12
CA ILE C 6 -24.32 -1.08 -4.98
C ILE C 6 -23.16 -2.02 -4.88
N ILE C 7 -22.27 -2.02 -5.88
CA ILE C 7 -21.13 -2.90 -5.86
C ILE C 7 -19.85 -2.11 -5.58
N SER C 8 -19.17 -2.46 -4.49
CA SER C 8 -17.83 -1.93 -4.26
C SER C 8 -16.78 -2.93 -4.75
N LEU C 9 -15.79 -2.43 -5.51
CA LEU C 9 -14.62 -3.19 -5.93
C LEU C 9 -13.34 -2.43 -5.54
N LEU C 10 -12.36 -3.17 -5.05
CA LEU C 10 -11.02 -2.63 -4.85
C LEU C 10 -10.19 -3.19 -6.00
N MSE C 11 -9.58 -2.33 -6.82
CA MSE C 11 -8.87 -2.82 -8.03
C MSE C 11 -7.59 -2.06 -8.36
O MSE C 11 -7.26 -1.02 -7.69
CB MSE C 11 -9.80 -2.77 -9.23
CG MSE C 11 -10.38 -1.39 -9.42
SE MSE C 11 -11.96 -1.31 -10.57
CE MSE C 11 -11.13 -1.47 -12.28
N GLU C 12 -6.84 -2.63 -9.34
CA GLU C 12 -5.75 -1.90 -10.04
C GLU C 12 -6.31 -0.62 -10.67
N ASN C 13 -5.51 0.45 -10.68
CA ASN C 13 -5.90 1.77 -11.21
C ASN C 13 -5.62 1.91 -12.74
N GLU C 14 -5.38 0.77 -13.39
CA GLU C 14 -5.29 0.71 -14.84
C GLU C 14 -6.59 1.19 -15.49
N ALA C 15 -6.47 2.10 -16.45
CA ALA C 15 -7.57 2.42 -17.34
C ALA C 15 -8.14 1.16 -17.99
N GLY C 16 -9.39 0.85 -17.69
CA GLY C 16 -10.12 -0.17 -18.41
C GLY C 16 -9.64 -1.57 -18.10
N ALA C 17 -8.94 -1.71 -16.98
CA ALA C 17 -9.48 -2.42 -15.82
C ALA C 17 -10.85 -1.86 -15.44
N LEU C 18 -10.94 -0.55 -15.34
CA LEU C 18 -12.23 0.14 -15.43
C LEU C 18 -13.06 -0.40 -16.59
N SER C 19 -12.59 -0.15 -17.81
CA SER C 19 -13.34 -0.53 -19.04
C SER C 19 -13.80 -2.00 -19.01
N ARG C 20 -12.94 -2.83 -18.42
CA ARG C 20 -13.16 -4.27 -18.35
C ARG C 20 -14.27 -4.57 -17.35
N VAL C 21 -14.30 -3.84 -16.23
CA VAL C 21 -15.39 -4.00 -15.26
C VAL C 21 -16.69 -3.45 -15.85
N ALA C 22 -16.59 -2.27 -16.46
CA ALA C 22 -17.70 -1.60 -17.05
C ALA C 22 -18.27 -2.51 -18.13
N GLY C 23 -17.37 -3.22 -18.83
CA GLY C 23 -17.71 -4.10 -19.94
C GLY C 23 -18.63 -5.23 -19.57
N LEU C 24 -18.37 -5.87 -18.44
CA LEU C 24 -19.15 -7.02 -17.99
C LEU C 24 -20.64 -6.72 -17.68
N PHE C 25 -20.95 -5.49 -17.22
CA PHE C 25 -22.34 -5.00 -17.19
C PHE C 25 -22.86 -4.66 -18.60
N SER C 26 -22.09 -3.87 -19.34
CA SER C 26 -22.35 -3.64 -20.77
C SER C 26 -22.58 -4.97 -21.49
N ALA C 27 -21.71 -5.94 -21.22
CA ALA C 27 -21.73 -7.26 -21.87
C ALA C 27 -23.14 -7.86 -21.82
N ARG C 28 -23.80 -7.73 -20.66
CA ARG C 28 -25.13 -8.34 -20.46
C ARG C 28 -26.27 -7.39 -20.91
N GLY C 29 -25.90 -6.23 -21.45
CA GLY C 29 -26.83 -5.15 -21.79
C GLY C 29 -27.36 -4.34 -20.60
N TYR C 30 -26.59 -4.27 -19.51
CA TYR C 30 -27.04 -3.56 -18.29
C TYR C 30 -26.37 -2.23 -18.08
N ASN C 31 -27.21 -1.21 -17.87
CA ASN C 31 -26.74 0.16 -17.64
C ASN C 31 -26.14 0.43 -16.25
N ILE C 32 -24.93 0.99 -16.23
CA ILE C 32 -24.35 1.54 -14.99
C ILE C 32 -24.97 2.93 -14.78
N GLU C 33 -25.79 3.05 -13.74
CA GLU C 33 -26.45 4.30 -13.32
C GLU C 33 -25.49 5.40 -12.78
N SER C 34 -24.62 5.01 -11.84
CA SER C 34 -23.59 5.89 -11.36
C SER C 34 -22.33 5.10 -10.99
N LEU C 35 -21.22 5.80 -10.95
CA LEU C 35 -19.97 5.17 -10.76
C LEU C 35 -18.96 6.22 -10.28
N SER C 36 -18.14 5.78 -9.34
CA SER C 36 -17.06 6.57 -8.80
C SER C 36 -15.90 5.64 -8.63
N VAL C 37 -14.73 6.11 -9.02
CA VAL C 37 -13.53 5.35 -8.72
C VAL C 37 -12.40 6.36 -8.46
N ALA C 38 -11.61 6.10 -7.42
CA ALA C 38 -10.52 6.97 -7.08
C ALA C 38 -9.46 6.24 -6.24
N PRO C 39 -8.24 6.83 -6.17
CA PRO C 39 -7.16 6.29 -5.36
C PRO C 39 -7.55 6.04 -3.92
N THR C 40 -7.01 4.98 -3.33
CA THR C 40 -7.12 4.72 -1.90
C THR C 40 -5.81 5.03 -1.22
N GLU C 41 -5.70 4.74 0.06
CA GLU C 41 -4.41 4.83 0.77
C GLU C 41 -3.36 3.97 0.05
N ASP C 42 -3.77 2.84 -0.52
CA ASP C 42 -2.84 1.97 -1.27
C ASP C 42 -2.62 2.61 -2.64
N PRO C 43 -1.40 3.13 -2.87
CA PRO C 43 -1.24 4.13 -3.96
C PRO C 43 -1.53 3.48 -5.31
N THR C 44 -1.59 2.18 -5.30
CA THR C 44 -1.59 1.42 -6.52
C THR C 44 -3.03 0.94 -6.76
N LEU C 45 -3.87 1.23 -5.78
CA LEU C 45 -5.19 0.63 -5.72
C LEU C 45 -6.26 1.67 -5.70
N SER C 46 -7.33 1.37 -6.40
CA SER C 46 -8.43 2.29 -6.42
C SER C 46 -9.68 1.57 -5.90
N ARG C 47 -10.57 2.33 -5.26
CA ARG C 47 -11.89 1.88 -4.81
C ARG C 47 -12.93 2.42 -5.80
N MSE C 48 -13.84 1.56 -6.21
CA MSE C 48 -14.90 1.97 -7.11
C MSE C 48 -16.23 1.51 -6.55
O MSE C 48 -16.44 0.31 -6.31
CB MSE C 48 -14.68 1.35 -8.48
CG MSE C 48 -15.93 1.34 -9.38
SE MSE C 48 -15.71 0.13 -10.98
CE MSE C 48 -14.14 1.02 -11.94
N THR C 49 -17.14 2.46 -6.36
CA THR C 49 -18.51 2.09 -6.10
C THR C 49 -19.34 2.22 -7.37
N LEU C 50 -20.27 1.29 -7.56
CA LEU C 50 -21.07 1.26 -8.79
C LEU C 50 -22.46 0.83 -8.48
N VAL C 51 -23.44 1.65 -8.89
CA VAL C 51 -24.85 1.37 -8.61
C VAL C 51 -25.49 0.92 -9.89
N THR C 52 -26.27 -0.16 -9.85
CA THR C 52 -26.79 -0.78 -11.08
C THR C 52 -28.16 -1.39 -10.83
N ASN C 53 -28.79 -1.90 -11.91
CA ASN C 53 -30.18 -2.37 -11.86
C ASN C 53 -30.43 -3.61 -12.71
N GLY C 54 -30.80 -4.70 -12.02
CA GLY C 54 -31.14 -6.00 -12.65
C GLY C 54 -31.47 -7.06 -11.61
N PRO C 55 -31.57 -8.36 -12.01
CA PRO C 55 -31.92 -9.43 -11.08
C PRO C 55 -30.71 -10.03 -10.34
N ASP C 56 -30.88 -10.25 -9.04
CA ASP C 56 -29.82 -10.72 -8.13
C ASP C 56 -28.91 -11.81 -8.71
N GLU C 57 -29.49 -12.89 -9.22
CA GLU C 57 -28.75 -14.00 -9.81
C GLU C 57 -27.79 -13.51 -10.89
N ILE C 58 -28.31 -12.62 -11.75
CA ILE C 58 -27.55 -12.00 -12.86
C ILE C 58 -26.35 -11.13 -12.41
N VAL C 59 -26.59 -10.21 -11.47
CA VAL C 59 -25.53 -9.46 -10.81
C VAL C 59 -24.51 -10.42 -10.26
N GLU C 60 -24.99 -11.38 -9.47
CA GLU C 60 -24.17 -12.51 -9.00
C GLU C 60 -23.37 -13.21 -10.11
N GLN C 61 -23.91 -13.25 -11.32
CA GLN C 61 -23.16 -13.71 -12.48
C GLN C 61 -21.95 -12.82 -12.73
N ILE C 62 -22.19 -11.52 -12.82
CA ILE C 62 -21.14 -10.54 -13.07
C ILE C 62 -20.09 -10.56 -11.95
N THR C 63 -20.57 -10.42 -10.70
CA THR C 63 -19.80 -10.72 -9.49
C THR C 63 -18.73 -11.80 -9.69
N LYS C 64 -19.17 -12.99 -10.08
CA LYS C 64 -18.26 -14.11 -10.33
C LYS C 64 -17.29 -13.75 -11.44
N GLN C 65 -17.79 -13.47 -12.64
CA GLN C 65 -16.96 -13.02 -13.74
C GLN C 65 -15.91 -12.01 -13.21
N LEU C 66 -16.39 -11.01 -12.47
CA LEU C 66 -15.55 -9.95 -11.91
C LEU C 66 -14.42 -10.44 -10.99
N ASN C 67 -14.78 -11.26 -10.00
CA ASN C 67 -13.81 -11.80 -9.07
C ASN C 67 -12.61 -12.45 -9.73
N LYS C 68 -12.84 -13.10 -10.87
CA LYS C 68 -11.79 -13.85 -11.56
C LYS C 68 -10.80 -12.94 -12.29
N LEU C 69 -11.13 -11.65 -12.49
CA LEU C 69 -10.16 -10.69 -13.02
C LEU C 69 -9.07 -10.42 -11.99
N ILE C 70 -7.81 -10.51 -12.44
CA ILE C 70 -6.63 -10.29 -11.61
C ILE C 70 -6.55 -8.83 -11.12
N GLU C 71 -7.14 -7.94 -11.93
CA GLU C 71 -7.21 -6.48 -11.71
C GLU C 71 -8.10 -6.09 -10.55
N VAL C 72 -8.96 -7.03 -10.14
CA VAL C 72 -9.93 -6.90 -9.07
C VAL C 72 -9.39 -7.65 -7.86
N VAL C 73 -9.16 -6.91 -6.78
CA VAL C 73 -8.58 -7.49 -5.59
C VAL C 73 -9.68 -8.12 -4.74
N LYS C 74 -10.73 -7.36 -4.46
CA LYS C 74 -11.89 -7.85 -3.72
C LYS C 74 -13.16 -7.13 -4.15
N LEU C 75 -14.29 -7.81 -4.01
CA LEU C 75 -15.56 -7.13 -4.16
C LEU C 75 -16.65 -7.64 -3.22
N ILE C 76 -17.58 -6.76 -2.89
CA ILE C 76 -18.74 -7.13 -2.11
C ILE C 76 -19.92 -6.47 -2.83
N ASP C 77 -21.11 -7.03 -2.60
CA ASP C 77 -22.34 -6.31 -2.85
C ASP C 77 -22.69 -5.61 -1.56
N LEU C 78 -22.48 -4.30 -1.55
CA LEU C 78 -22.64 -3.49 -0.36
C LEU C 78 -23.99 -3.61 0.32
N SER C 79 -25.05 -3.86 -0.44
CA SER C 79 -26.40 -3.97 0.16
C SER C 79 -26.55 -5.27 0.96
N SER C 80 -25.66 -6.23 0.75
CA SER C 80 -25.89 -7.55 1.36
C SER C 80 -25.59 -7.51 2.85
N GLU C 81 -24.95 -6.43 3.27
CA GLU C 81 -24.54 -6.24 4.66
C GLU C 81 -24.75 -4.77 5.07
N GLY C 82 -24.78 -4.48 6.38
CA GLY C 82 -24.91 -3.08 6.88
C GLY C 82 -23.89 -2.12 6.22
N TYR C 83 -24.33 -0.93 5.78
CA TYR C 83 -23.42 -0.03 5.04
C TYR C 83 -23.77 1.44 5.23
N VAL C 84 -22.80 2.32 4.97
CA VAL C 84 -23.12 3.74 4.86
C VAL C 84 -22.79 4.17 3.46
N GLU C 85 -23.58 5.11 2.95
CA GLU C 85 -23.38 5.61 1.61
C GLU C 85 -23.72 7.11 1.56
N ARG C 86 -22.94 7.83 0.75
CA ARG C 86 -23.14 9.25 0.56
C ARG C 86 -22.84 9.56 -0.88
N GLU C 87 -23.64 10.44 -1.46
CA GLU C 87 -23.22 11.15 -2.67
C GLU C 87 -23.15 12.63 -2.45
N LEU C 88 -22.40 13.24 -3.33
CA LEU C 88 -22.24 14.66 -3.49
C LEU C 88 -22.82 15.11 -4.83
N MSE C 89 -23.37 16.30 -4.81
CA MSE C 89 -24.00 16.91 -5.96
C MSE C 89 -23.75 18.41 -5.99
O MSE C 89 -23.77 19.07 -4.95
CB MSE C 89 -25.48 16.64 -5.90
CG MSE C 89 -26.16 16.83 -7.17
SE MSE C 89 -28.10 16.54 -7.06
CE MSE C 89 -28.74 17.76 -5.65
N LEU C 90 -23.51 18.91 -7.20
CA LEU C 90 -23.41 20.34 -7.49
C LEU C 90 -24.59 20.73 -8.39
N VAL C 91 -25.42 21.67 -7.97
CA VAL C 91 -26.62 22.04 -8.70
C VAL C 91 -26.60 23.54 -8.90
N LYS C 92 -26.53 23.93 -10.16
CA LYS C 92 -26.58 25.32 -10.59
C LYS C 92 -28.05 25.73 -10.93
N VAL C 93 -28.53 26.77 -10.23
CA VAL C 93 -29.91 27.14 -10.30
C VAL C 93 -30.01 28.57 -10.71
N ARG C 94 -31.04 28.88 -11.47
CA ARG C 94 -31.43 30.25 -11.75
C ARG C 94 -32.05 30.83 -10.48
N ALA C 95 -31.48 31.92 -9.98
CA ALA C 95 -31.89 32.50 -8.70
C ALA C 95 -32.08 33.99 -8.87
N VAL C 96 -33.26 34.40 -9.32
CA VAL C 96 -33.59 35.83 -9.44
C VAL C 96 -34.83 36.14 -8.60
N GLY C 97 -34.93 37.40 -8.15
CA GLY C 97 -36.01 37.84 -7.27
C GLY C 97 -36.25 37.03 -6.00
N LYS C 98 -37.52 36.67 -5.81
CA LYS C 98 -37.98 35.94 -4.64
C LYS C 98 -37.44 34.53 -4.61
N ASP C 99 -36.92 34.05 -5.74
CA ASP C 99 -36.27 32.74 -5.69
C ASP C 99 -34.90 32.80 -5.06
N ARG C 100 -34.34 33.98 -4.90
CA ARG C 100 -33.08 33.96 -4.18
C ARG C 100 -33.32 33.56 -2.74
N GLU C 101 -34.36 34.10 -2.09
CA GLU C 101 -34.63 33.74 -0.71
C GLU C 101 -35.03 32.27 -0.63
N GLU C 102 -35.90 31.87 -1.57
CA GLU C 102 -36.42 30.53 -1.67
C GLU C 102 -35.37 29.47 -1.93
N MSE C 103 -34.43 29.72 -2.85
CA MSE C 103 -33.34 28.77 -3.13
C MSE C 103 -32.34 28.68 -2.01
O MSE C 103 -31.78 27.60 -1.75
CB MSE C 103 -32.53 29.14 -4.37
CG MSE C 103 -33.25 28.93 -5.67
SE MSE C 103 -33.54 27.02 -5.93
CE MSE C 103 -35.54 26.86 -5.56
N LYS C 104 -32.09 29.81 -1.33
CA LYS C 104 -31.23 29.74 -0.17
C LYS C 104 -31.90 28.95 0.98
N ARG C 105 -33.22 29.09 1.16
CA ARG C 105 -33.91 28.34 2.21
C ARG C 105 -33.79 26.82 1.93
N LEU C 106 -33.99 26.39 0.68
CA LEU C 106 -33.86 24.97 0.35
C LEU C 106 -32.49 24.46 0.67
N ALA C 107 -31.49 25.22 0.28
CA ALA C 107 -30.15 24.84 0.55
C ALA C 107 -30.04 24.59 2.04
N ASP C 108 -30.48 25.57 2.81
CA ASP C 108 -30.34 25.51 4.25
C ASP C 108 -31.06 24.26 4.78
N ILE C 109 -32.30 24.05 4.37
CA ILE C 109 -33.09 22.94 4.89
C ILE C 109 -32.36 21.62 4.55
N PHE C 110 -31.84 21.46 3.33
CA PHE C 110 -31.10 20.26 2.95
C PHE C 110 -29.67 20.23 3.49
N ARG C 111 -29.24 21.30 4.16
CA ARG C 111 -27.90 21.39 4.74
C ARG C 111 -26.81 21.41 3.69
N GLY C 112 -27.09 22.07 2.57
CA GLY C 112 -26.10 22.26 1.52
C GLY C 112 -25.50 23.65 1.55
N ASN C 113 -24.53 23.93 0.69
CA ASN C 113 -23.74 25.14 0.82
C ASN C 113 -23.65 25.79 -0.52
N ILE C 114 -23.84 27.10 -0.56
CA ILE C 114 -23.67 27.80 -1.86
C ILE C 114 -22.19 28.08 -2.11
N ILE C 115 -21.68 27.64 -3.24
CA ILE C 115 -20.25 27.79 -3.49
C ILE C 115 -19.98 28.61 -4.74
N ASP C 116 -21.04 29.08 -5.40
CA ASP C 116 -20.88 30.00 -6.51
C ASP C 116 -22.13 30.89 -6.50
N VAL C 117 -21.94 32.21 -6.52
CA VAL C 117 -23.07 33.11 -6.50
C VAL C 117 -22.90 34.31 -7.42
N THR C 118 -23.90 34.55 -8.23
CA THR C 118 -23.96 35.84 -8.91
C THR C 118 -25.32 36.42 -8.60
N ASN C 119 -25.58 37.60 -9.15
CA ASN C 119 -26.87 38.25 -9.12
C ASN C 119 -27.99 37.36 -9.57
N GLU C 120 -27.71 36.43 -10.48
CA GLU C 120 -28.78 35.68 -11.14
C GLU C 120 -28.69 34.17 -10.92
N LEU C 121 -27.63 33.70 -10.27
CA LEU C 121 -27.53 32.26 -10.01
C LEU C 121 -26.85 31.83 -8.70
N TYR C 122 -27.12 30.59 -8.29
CA TYR C 122 -26.36 29.94 -7.22
C TYR C 122 -25.94 28.61 -7.75
N THR C 123 -24.79 28.14 -7.29
CA THR C 123 -24.44 26.74 -7.41
C THR C 123 -24.46 26.22 -5.99
N ILE C 124 -25.29 25.24 -5.74
CA ILE C 124 -25.49 24.68 -4.42
C ILE C 124 -24.77 23.33 -4.37
N GLU C 125 -24.02 23.09 -3.29
CA GLU C 125 -23.34 21.83 -3.06
C GLU C 125 -24.17 21.06 -2.02
N LEU C 126 -24.49 19.83 -2.34
CA LEU C 126 -25.36 19.04 -1.49
C LEU C 126 -24.77 17.65 -1.37
N THR C 127 -24.69 17.16 -0.15
CA THR C 127 -24.05 15.90 0.17
C THR C 127 -25.08 15.09 0.95
N GLY C 128 -25.32 13.83 0.64
CA GLY C 128 -26.19 13.01 1.49
C GLY C 128 -26.43 11.63 0.92
N THR C 129 -27.30 10.84 1.55
CA THR C 129 -27.85 9.61 0.93
C THR C 129 -28.51 9.92 -0.43
N ARG C 130 -28.78 8.85 -1.18
N ARG C 130 -28.78 8.85 -1.18
CA ARG C 130 -29.39 8.98 -2.49
CA ARG C 130 -29.39 8.98 -2.49
C ARG C 130 -30.76 9.64 -2.39
C ARG C 130 -30.76 9.64 -2.39
N SER C 131 -31.54 9.23 -1.41
CA SER C 131 -32.90 9.69 -1.30
C SER C 131 -32.98 11.17 -0.88
N LYS C 132 -32.01 11.63 -0.08
CA LYS C 132 -31.91 13.05 0.24
C LYS C 132 -31.65 13.97 -1.01
N LEU C 133 -30.63 13.61 -1.77
CA LEU C 133 -30.32 14.29 -3.00
C LEU C 133 -31.50 14.25 -3.97
N ASP C 134 -32.15 13.08 -4.04
CA ASP C 134 -33.30 12.90 -4.90
C ASP C 134 -34.40 13.82 -4.45
N GLY C 135 -34.53 13.99 -3.15
CA GLY C 135 -35.58 14.79 -2.58
C GLY C 135 -35.35 16.27 -2.80
N PHE C 136 -34.08 16.68 -2.79
CA PHE C 136 -33.73 18.04 -3.18
C PHE C 136 -34.14 18.27 -4.63
N LEU C 137 -33.86 17.30 -5.50
CA LEU C 137 -34.18 17.49 -6.91
C LEU C 137 -35.67 17.54 -7.06
N GLN C 138 -36.40 16.67 -6.36
CA GLN C 138 -37.87 16.75 -6.31
C GLN C 138 -38.40 18.10 -5.82
N ALA C 139 -37.67 18.81 -4.97
CA ALA C 139 -38.20 20.06 -4.43
C ALA C 139 -38.09 21.31 -5.35
N VAL C 140 -37.10 21.33 -6.25
CA VAL C 140 -36.87 22.47 -7.13
C VAL C 140 -37.66 22.38 -8.46
N ASP C 141 -38.42 23.42 -8.83
CA ASP C 141 -39.00 23.42 -10.20
C ASP C 141 -37.84 23.13 -11.15
N CYS C 142 -38.02 22.22 -12.08
CA CYS C 142 -36.93 21.94 -12.98
C CYS C 142 -36.61 23.00 -14.03
N ASN C 143 -37.42 24.04 -14.20
CA ASN C 143 -37.00 25.14 -15.07
C ASN C 143 -35.99 26.04 -14.39
N LEU C 144 -35.72 25.77 -13.12
CA LEU C 144 -34.71 26.51 -12.41
C LEU C 144 -33.34 25.85 -12.46
N ILE C 145 -33.30 24.56 -12.82
CA ILE C 145 -32.04 23.80 -12.76
C ILE C 145 -31.23 24.06 -14.02
N LEU C 146 -30.07 24.73 -13.94
CA LEU C 146 -29.31 25.02 -15.15
C LEU C 146 -28.40 23.90 -15.54
N GLU C 147 -27.75 23.27 -14.58
CA GLU C 147 -27.04 22.01 -14.83
C GLU C 147 -26.73 21.39 -13.48
N ILE C 148 -26.40 20.10 -13.49
CA ILE C 148 -26.15 19.33 -12.30
C ILE C 148 -24.91 18.51 -12.59
N ALA C 149 -24.01 18.40 -11.62
CA ALA C 149 -22.97 17.36 -11.66
C ALA C 149 -22.97 16.62 -10.38
N ARG C 150 -23.26 15.33 -10.51
CA ARG C 150 -23.59 14.50 -9.35
C ARG C 150 -22.66 13.31 -9.40
N THR C 151 -22.07 12.92 -8.25
CA THR C 151 -21.00 11.89 -8.25
C THR C 151 -21.37 10.43 -8.18
N GLY C 152 -22.59 10.08 -7.82
CA GLY C 152 -22.79 8.64 -7.61
C GLY C 152 -22.05 8.14 -6.36
N VAL C 153 -22.44 6.98 -5.85
CA VAL C 153 -22.15 6.61 -4.48
C VAL C 153 -20.68 6.42 -4.09
N SER C 154 -20.41 6.76 -2.85
CA SER C 154 -19.20 6.39 -2.16
C SER C 154 -19.68 5.61 -0.89
N GLY C 155 -19.36 4.32 -0.82
CA GLY C 155 -19.88 3.47 0.21
C GLY C 155 -18.88 2.59 0.90
N LEU C 156 -19.17 2.27 2.16
CA LEU C 156 -18.34 1.39 2.95
C LEU C 156 -19.26 0.48 3.71
N SER C 157 -18.77 -0.71 4.02
CA SER C 157 -19.49 -1.53 4.97
C SER C 157 -19.54 -0.81 6.32
N ARG C 158 -20.57 -1.12 7.10
CA ARG C 158 -20.60 -0.66 8.49
C ARG C 158 -19.62 -1.45 9.34
N GLY C 159 -19.11 -0.82 10.40
CA GLY C 159 -18.25 -1.49 11.39
C GLY C 159 -16.93 -2.00 10.84
N GLU C 160 -16.50 -3.14 11.37
CA GLU C 160 -15.16 -3.66 11.11
C GLU C 160 -15.00 -4.30 9.74
N ARG C 161 -16.10 -4.69 9.12
CA ARG C 161 -16.05 -5.16 7.73
C ARG C 161 -15.31 -4.17 6.81
N VAL C 162 -14.24 -4.64 6.17
CA VAL C 162 -13.49 -3.85 5.20
C VAL C 162 -13.13 -4.67 3.97
N LEU C 163 -13.10 -4.03 2.81
CA LEU C 163 -12.94 -4.74 1.56
C LEU C 163 -11.54 -5.32 1.30
N LYS C 164 -10.48 -4.54 1.52
CA LYS C 164 -9.13 -5.10 1.34
C LYS C 164 -8.88 -6.32 2.23
N LEU C 165 -9.71 -6.50 3.28
CA LEU C 165 -9.78 -7.78 4.04
C LEU C 165 -10.95 -8.75 3.67
N MSE D 3 20.37 5.70 23.05
CA MSE D 3 19.79 4.48 23.76
C MSE D 3 19.56 3.57 22.52
O MSE D 3 18.37 3.60 22.00
N ARG D 4 20.58 2.82 22.02
CA ARG D 4 20.33 1.85 20.92
C ARG D 4 19.27 0.82 21.36
N HIS D 5 18.30 0.48 20.48
CA HIS D 5 17.27 -0.52 20.86
C HIS D 5 16.93 -1.60 19.80
N ILE D 6 16.94 -2.84 20.27
CA ILE D 6 16.66 -3.99 19.43
C ILE D 6 15.33 -4.54 19.89
N ILE D 7 14.36 -4.54 18.99
CA ILE D 7 13.03 -4.96 19.33
C ILE D 7 12.65 -6.22 18.57
N SER D 8 12.27 -7.24 19.34
CA SER D 8 11.81 -8.51 18.84
C SER D 8 10.31 -8.61 18.98
N LEU D 9 9.65 -9.02 17.91
CA LEU D 9 8.26 -9.37 18.03
C LEU D 9 7.88 -10.60 17.21
N LEU D 10 7.04 -11.41 17.84
CA LEU D 10 6.53 -12.64 17.28
C LEU D 10 5.12 -12.27 16.90
N MSE D 11 4.82 -12.36 15.61
CA MSE D 11 3.45 -12.13 15.20
C MSE D 11 2.97 -13.17 14.17
O MSE D 11 3.77 -13.98 13.69
CB MSE D 11 3.25 -10.67 14.76
CG MSE D 11 3.47 -10.39 13.31
SE MSE D 11 5.16 -9.50 12.95
CE MSE D 11 5.01 -9.50 10.90
N GLU D 12 1.66 -13.15 13.90
CA GLU D 12 1.05 -14.12 12.99
C GLU D 12 1.70 -13.99 11.61
N ASN D 13 1.37 -14.93 10.72
CA ASN D 13 1.96 -14.91 9.37
C ASN D 13 1.09 -14.26 8.28
N GLU D 14 0.71 -13.01 8.54
CA GLU D 14 0.15 -12.11 7.54
C GLU D 14 0.97 -10.81 7.69
N ALA D 15 1.78 -10.50 6.68
CA ALA D 15 2.69 -9.35 6.72
C ALA D 15 1.97 -8.03 6.38
N GLY D 16 0.71 -7.93 6.80
CA GLY D 16 0.00 -6.67 6.96
C GLY D 16 0.46 -6.11 8.29
N ALA D 17 0.88 -7.01 9.18
CA ALA D 17 1.60 -6.62 10.40
C ALA D 17 2.92 -5.99 10.04
N LEU D 18 3.62 -6.55 9.07
CA LEU D 18 4.81 -5.87 8.56
C LEU D 18 4.40 -4.46 8.08
N SER D 19 3.36 -4.40 7.26
CA SER D 19 2.92 -3.13 6.70
C SER D 19 2.48 -2.17 7.81
N ARG D 20 1.64 -2.68 8.71
CA ARG D 20 1.14 -1.85 9.79
C ARG D 20 2.34 -1.40 10.61
N VAL D 21 3.22 -2.34 10.95
CA VAL D 21 4.35 -2.03 11.81
C VAL D 21 5.18 -0.87 11.25
N ALA D 22 5.55 -0.97 9.98
CA ALA D 22 6.24 0.10 9.29
C ALA D 22 5.40 1.38 9.29
N GLY D 23 4.07 1.21 9.24
CA GLY D 23 3.17 2.35 9.20
C GLY D 23 3.33 3.27 10.38
N LEU D 24 3.22 2.71 11.58
CA LEU D 24 3.70 3.39 12.79
C LEU D 24 4.98 4.16 12.52
N PHE D 25 6.06 3.43 12.23
CA PHE D 25 7.40 3.97 12.34
C PHE D 25 7.61 5.12 11.37
N SER D 26 6.94 5.06 10.23
CA SER D 26 6.95 6.16 9.28
C SER D 26 6.12 7.34 9.78
N ALA D 27 4.85 7.09 10.06
CA ALA D 27 3.90 8.15 10.38
C ALA D 27 4.31 8.88 11.65
N ARG D 28 4.94 8.14 12.55
CA ARG D 28 5.40 8.71 13.81
C ARG D 28 6.80 9.28 13.84
N GLY D 29 7.55 9.12 12.76
CA GLY D 29 8.88 9.67 12.66
C GLY D 29 10.05 8.96 13.33
N TYR D 30 10.02 7.65 13.42
CA TYR D 30 11.29 6.94 13.52
C TYR D 30 11.61 6.16 12.27
N ASN D 31 12.88 5.96 11.98
CA ASN D 31 13.26 5.10 10.87
C ASN D 31 13.65 3.74 11.38
N ILE D 32 13.33 2.72 10.61
CA ILE D 32 13.91 1.41 10.84
C ILE D 32 15.30 1.36 10.32
N GLU D 33 16.25 1.24 11.24
CA GLU D 33 17.64 1.08 10.85
C GLU D 33 17.84 -0.21 10.06
N SER D 34 17.37 -1.32 10.61
CA SER D 34 17.21 -2.56 9.82
C SER D 34 16.03 -3.38 10.34
N LEU D 35 15.89 -4.56 9.71
CA LEU D 35 14.65 -5.32 9.72
C LEU D 35 14.90 -6.72 9.14
N SER D 36 14.42 -7.71 9.90
CA SER D 36 14.41 -9.07 9.45
C SER D 36 13.09 -9.69 9.86
N VAL D 37 12.56 -10.53 8.97
CA VAL D 37 11.39 -11.32 9.28
C VAL D 37 11.44 -12.60 8.47
N ALA D 38 11.26 -13.71 9.16
CA ALA D 38 11.19 -14.97 8.47
C ALA D 38 10.33 -15.86 9.34
N PRO D 39 10.04 -17.09 8.88
CA PRO D 39 9.13 -17.92 9.67
C PRO D 39 9.82 -18.65 10.82
N THR D 40 9.08 -18.89 11.91
CA THR D 40 9.55 -19.71 13.04
C THR D 40 9.23 -21.19 12.83
N GLU D 41 9.79 -22.05 13.70
CA GLU D 41 9.48 -23.50 13.73
C GLU D 41 7.97 -23.72 13.64
N ASP D 42 7.23 -22.81 14.27
CA ASP D 42 5.81 -22.68 14.06
C ASP D 42 5.53 -21.83 12.80
N PRO D 43 5.08 -22.47 11.72
CA PRO D 43 4.72 -21.80 10.46
C PRO D 43 3.44 -20.94 10.54
N THR D 44 2.68 -21.02 11.63
CA THR D 44 1.61 -20.05 11.85
C THR D 44 2.19 -18.71 12.32
N LEU D 45 3.45 -18.70 12.74
CA LEU D 45 4.04 -17.49 13.26
C LEU D 45 5.41 -17.17 12.68
N SER D 46 5.65 -15.87 12.52
CA SER D 46 6.90 -15.32 12.04
C SER D 46 7.58 -14.46 13.09
N ARG D 47 8.90 -14.46 13.04
CA ARG D 47 9.74 -13.76 14.00
C ARG D 47 10.35 -12.52 13.37
N MSE D 48 9.98 -11.35 13.90
CA MSE D 48 10.60 -10.10 13.46
C MSE D 48 11.55 -9.50 14.48
O MSE D 48 11.25 -9.45 15.68
CB MSE D 48 9.54 -9.07 13.14
CG MSE D 48 10.05 -7.82 12.45
SE MSE D 48 8.51 -6.61 12.12
CE MSE D 48 7.43 -7.61 10.73
N THR D 49 12.71 -9.05 13.96
CA THR D 49 13.64 -8.18 14.68
C THR D 49 13.76 -6.78 14.06
N LEU D 50 13.69 -5.78 14.90
CA LEU D 50 13.95 -4.46 14.40
C LEU D 50 14.72 -3.60 15.38
N VAL D 51 15.63 -2.79 14.84
CA VAL D 51 16.46 -1.92 15.67
C VAL D 51 16.23 -0.45 15.33
N THR D 52 16.09 0.37 16.36
CA THR D 52 15.83 1.79 16.18
C THR D 52 16.31 2.60 17.37
N ASN D 53 16.16 3.92 17.28
CA ASN D 53 17.32 4.81 17.18
C ASN D 53 18.05 4.92 18.51
N GLY D 54 17.44 5.61 19.46
CA GLY D 54 18.16 6.17 20.60
C GLY D 54 17.25 6.49 21.76
N PRO D 55 16.80 7.74 21.82
CA PRO D 55 16.44 8.36 23.09
C PRO D 55 15.17 7.76 23.66
N ASP D 56 15.28 7.16 24.85
CA ASP D 56 14.16 6.41 25.45
C ASP D 56 12.93 7.27 25.79
N GLU D 57 11.95 6.66 26.47
CA GLU D 57 10.61 7.27 26.66
C GLU D 57 9.83 7.23 25.34
N ILE D 58 10.45 7.75 24.28
CA ILE D 58 10.03 7.47 22.89
C ILE D 58 10.14 5.97 22.61
N VAL D 59 11.11 5.33 23.26
CA VAL D 59 11.27 3.86 23.20
C VAL D 59 10.08 3.13 23.83
N GLU D 60 9.63 3.66 24.99
CA GLU D 60 8.42 3.16 25.65
C GLU D 60 7.18 3.45 24.81
N GLN D 61 6.97 4.78 24.52
CA GLN D 61 5.87 5.24 23.67
C GLN D 61 5.77 4.42 22.36
N ILE D 62 6.99 4.05 21.83
CA ILE D 62 6.99 3.18 20.63
C ILE D 62 6.40 1.81 21.02
N THR D 63 7.07 1.21 22.06
CA THR D 63 6.64 -0.09 22.56
C THR D 63 5.13 -0.12 22.91
N LYS D 64 4.66 0.92 23.60
CA LYS D 64 3.24 1.04 23.94
C LYS D 64 2.38 0.92 22.68
N GLN D 65 2.70 1.74 21.67
CA GLN D 65 1.96 1.76 20.41
C GLN D 65 2.06 0.38 19.72
N LEU D 66 3.32 -0.14 19.61
CA LEU D 66 3.55 -1.43 18.96
C LEU D 66 2.74 -2.58 19.52
N ASN D 67 2.27 -2.40 20.74
CA ASN D 67 1.44 -3.43 21.34
C ASN D 67 -0.01 -3.42 20.85
N LYS D 68 -0.37 -2.30 20.19
CA LYS D 68 -1.79 -2.01 19.81
C LYS D 68 -2.34 -2.81 18.58
N LEU D 69 -1.42 -3.31 17.74
CA LEU D 69 -1.82 -4.25 16.69
C LEU D 69 -2.12 -5.60 17.37
N ILE D 70 -3.09 -6.35 16.86
CA ILE D 70 -3.69 -7.46 17.61
C ILE D 70 -3.65 -8.79 16.87
N VAL D 72 0.40 -9.32 15.69
CA VAL D 72 1.26 -9.09 16.88
C VAL D 72 0.93 -9.93 18.14
N VAL D 73 1.74 -10.94 18.39
CA VAL D 73 1.55 -11.80 19.56
C VAL D 73 2.24 -11.23 20.79
N LYS D 74 3.54 -11.50 20.90
CA LYS D 74 4.35 -10.89 21.96
C LYS D 74 5.37 -9.91 21.37
N LEU D 75 5.65 -8.85 22.12
CA LEU D 75 6.83 -8.02 21.87
C LEU D 75 7.79 -8.06 23.04
N ILE D 76 9.08 -8.16 22.74
CA ILE D 76 10.12 -7.96 23.75
C ILE D 76 11.16 -6.95 23.28
N ASP D 77 11.72 -6.21 24.22
CA ASP D 77 12.69 -5.20 23.91
C ASP D 77 14.02 -5.78 24.36
N LEU D 78 14.61 -6.60 23.48
CA LEU D 78 15.76 -7.44 23.80
C LEU D 78 16.77 -6.78 24.68
N SER D 79 16.99 -5.50 24.45
CA SER D 79 18.02 -4.74 25.13
C SER D 79 17.88 -4.65 26.64
N SER D 80 16.68 -4.89 27.16
CA SER D 80 16.46 -4.72 28.60
C SER D 80 17.17 -5.82 29.40
N GLU D 81 17.43 -6.96 28.75
CA GLU D 81 18.18 -8.08 29.31
C GLU D 81 19.33 -8.46 28.40
N GLY D 82 20.20 -9.34 28.86
CA GLY D 82 21.19 -9.96 27.97
C GLY D 82 20.55 -10.49 26.67
N TYR D 83 21.23 -10.28 25.53
CA TYR D 83 20.77 -10.88 24.28
C TYR D 83 21.97 -11.19 23.44
N VAL D 84 21.76 -12.01 22.42
CA VAL D 84 22.69 -12.14 21.33
C VAL D 84 22.12 -11.54 20.05
N GLU D 85 23.01 -11.05 19.22
CA GLU D 85 22.59 -10.57 17.93
C GLU D 85 23.65 -10.81 16.89
N ARG D 86 23.20 -11.24 15.70
CA ARG D 86 24.06 -11.41 14.55
C ARG D 86 23.49 -10.83 13.27
N GLU D 87 24.39 -10.52 12.33
CA GLU D 87 23.96 -10.06 11.02
C GLU D 87 24.85 -10.69 9.98
N LEU D 88 24.23 -11.07 8.85
CA LEU D 88 24.99 -11.47 7.71
C LEU D 88 25.08 -10.37 6.66
N MSE D 89 26.21 -10.35 5.99
CA MSE D 89 26.43 -9.36 4.98
C MSE D 89 27.19 -9.99 3.87
O MSE D 89 28.13 -10.73 4.10
CB MSE D 89 27.22 -8.19 5.56
CG MSE D 89 27.83 -7.29 4.56
SE MSE D 89 28.43 -5.53 5.39
CE MSE D 89 30.06 -6.03 6.27
N LEU D 90 26.75 -9.70 2.66
CA LEU D 90 27.45 -10.02 1.43
C LEU D 90 27.96 -8.73 0.82
N VAL D 91 29.27 -8.62 0.64
CA VAL D 91 29.86 -7.42 0.08
C VAL D 91 30.63 -7.81 -1.17
N LYS D 92 30.26 -7.21 -2.31
CA LYS D 92 31.01 -7.43 -3.56
C LYS D 92 32.04 -6.33 -3.75
N VAL D 93 33.33 -6.69 -3.70
CA VAL D 93 34.40 -5.70 -3.85
C VAL D 93 35.19 -5.80 -5.16
N ARG D 94 35.55 -4.67 -5.77
CA ARG D 94 36.46 -4.64 -6.92
C ARG D 94 37.85 -5.10 -6.48
N ALA D 95 38.41 -6.11 -7.12
CA ALA D 95 39.66 -6.64 -6.58
C ALA D 95 40.70 -6.98 -7.64
N VAL D 96 41.57 -6.01 -7.91
CA VAL D 96 42.64 -6.13 -8.89
C VAL D 96 44.00 -5.79 -8.30
N GLY D 97 45.06 -6.37 -8.85
CA GLY D 97 46.40 -5.98 -8.41
C GLY D 97 46.50 -6.11 -6.92
N LYS D 98 47.11 -5.13 -6.26
CA LYS D 98 47.45 -5.23 -4.83
C LYS D 98 46.24 -5.29 -3.91
N ASP D 99 45.06 -4.91 -4.41
CA ASP D 99 43.84 -4.97 -3.64
C ASP D 99 43.40 -6.39 -3.50
N ARG D 100 43.87 -7.24 -4.40
CA ARG D 100 43.49 -8.62 -4.27
C ARG D 100 44.01 -9.22 -2.98
N GLU D 101 45.25 -8.91 -2.65
CA GLU D 101 45.87 -9.46 -1.48
C GLU D 101 45.21 -8.75 -0.32
N GLU D 102 45.03 -7.46 -0.48
CA GLU D 102 44.43 -6.64 0.56
C GLU D 102 42.99 -7.02 0.96
N MSE D 103 42.09 -7.23 -0.01
CA MSE D 103 40.72 -7.64 0.26
C MSE D 103 40.69 -8.99 0.92
O MSE D 103 39.88 -9.23 1.80
CB MSE D 103 39.91 -7.74 -1.03
CG MSE D 103 39.55 -6.45 -1.66
SE MSE D 103 38.66 -5.25 -0.41
CE MSE D 103 40.18 -4.01 0.28
N LYS D 104 41.56 -9.89 0.50
CA LYS D 104 41.63 -11.23 1.07
C LYS D 104 42.11 -11.18 2.54
N ARG D 105 43.11 -10.33 2.84
CA ARG D 105 43.57 -10.12 4.19
C ARG D 105 42.42 -9.62 5.04
N LEU D 106 41.63 -8.69 4.49
CA LEU D 106 40.47 -8.16 5.21
C LEU D 106 39.48 -9.23 5.52
N ALA D 107 39.12 -10.07 4.54
CA ALA D 107 38.25 -11.21 4.80
C ALA D 107 38.76 -12.14 5.88
N ASP D 108 40.06 -12.49 5.85
CA ASP D 108 40.63 -13.35 6.89
C ASP D 108 40.62 -12.66 8.25
N ILE D 109 41.09 -11.43 8.31
CA ILE D 109 41.09 -10.71 9.59
C ILE D 109 39.65 -10.76 10.19
N PHE D 110 38.61 -10.52 9.37
CA PHE D 110 37.24 -10.47 9.86
C PHE D 110 36.53 -11.81 9.86
N ARG D 111 37.26 -12.85 9.47
CA ARG D 111 36.69 -14.19 9.38
C ARG D 111 35.55 -14.34 8.40
N GLY D 112 35.56 -13.57 7.34
CA GLY D 112 34.58 -13.75 6.30
C GLY D 112 35.03 -14.84 5.35
N ASN D 113 34.18 -15.18 4.39
CA ASN D 113 34.52 -16.18 3.41
C ASN D 113 34.26 -15.57 2.07
N ILE D 114 35.15 -15.82 1.12
CA ILE D 114 34.90 -15.37 -0.24
C ILE D 114 34.03 -16.39 -0.94
N ILE D 115 32.91 -15.94 -1.51
CA ILE D 115 31.96 -16.90 -2.02
C ILE D 115 31.68 -16.71 -3.51
N ASP D 116 32.36 -15.75 -4.08
CA ASP D 116 32.33 -15.55 -5.52
C ASP D 116 33.63 -14.88 -5.87
N VAL D 117 34.22 -15.32 -6.95
CA VAL D 117 35.54 -14.83 -7.31
C VAL D 117 35.75 -14.85 -8.79
N THR D 118 36.25 -13.74 -9.32
CA THR D 118 36.79 -13.71 -10.68
C THR D 118 38.16 -13.10 -10.53
N ASN D 119 38.88 -12.92 -11.64
N ASN D 119 38.84 -12.90 -11.68
CA ASN D 119 40.18 -12.24 -11.58
CA ASN D 119 40.13 -12.21 -11.75
C ASN D 119 40.08 -10.71 -11.33
C ASN D 119 40.07 -10.73 -11.28
N GLU D 120 38.86 -10.22 -11.07
CA GLU D 120 38.64 -8.78 -10.74
C GLU D 120 37.72 -8.43 -9.58
N LEU D 121 37.11 -9.42 -8.94
CA LEU D 121 36.20 -9.16 -7.83
C LEU D 121 36.13 -10.30 -6.86
N TYR D 122 35.68 -9.97 -5.66
CA TYR D 122 35.32 -10.98 -4.67
C TYR D 122 33.95 -10.64 -4.15
N THR D 123 33.17 -11.64 -3.74
CA THR D 123 32.04 -11.35 -2.89
C THR D 123 32.42 -11.98 -1.58
N ILE D 124 32.43 -11.16 -0.55
CA ILE D 124 32.82 -11.58 0.73
C ILE D 124 31.57 -11.67 1.56
N GLU D 125 31.42 -12.83 2.19
CA GLU D 125 30.39 -13.06 3.13
C GLU D 125 30.91 -12.85 4.54
N LEU D 126 30.17 -12.06 5.31
CA LEU D 126 30.62 -11.69 6.62
C LEU D 126 29.47 -11.77 7.61
N THR D 127 29.74 -12.32 8.79
CA THR D 127 28.77 -12.46 9.85
C THR D 127 29.36 -11.87 11.16
N GLY D 128 28.51 -11.20 11.95
CA GLY D 128 28.92 -10.75 13.26
C GLY D 128 27.91 -9.85 13.89
N THR D 129 28.29 -9.24 15.00
CA THR D 129 27.56 -8.14 15.58
C THR D 129 27.55 -6.93 14.64
N ARG D 130 26.56 -6.07 14.82
CA ARG D 130 26.49 -4.77 14.18
C ARG D 130 27.88 -4.14 14.13
N SER D 131 28.54 -3.96 15.27
CA SER D 131 29.83 -3.28 15.24
C SER D 131 30.93 -4.00 14.46
N LYS D 132 30.92 -5.34 14.45
CA LYS D 132 31.90 -6.06 13.63
C LYS D 132 31.69 -5.73 12.13
N LEU D 133 30.45 -5.77 11.67
CA LEU D 133 30.16 -5.51 10.25
C LEU D 133 30.46 -4.06 9.82
N ASP D 134 30.09 -3.11 10.67
CA ASP D 134 30.47 -1.72 10.50
C ASP D 134 31.99 -1.57 10.41
N GLY D 135 32.72 -2.33 11.21
CA GLY D 135 34.13 -2.12 11.34
C GLY D 135 34.77 -2.52 10.04
N PHE D 136 34.20 -3.57 9.45
CA PHE D 136 34.58 -4.01 8.13
C PHE D 136 34.37 -2.94 7.04
N LEU D 137 33.22 -2.25 7.07
CA LEU D 137 32.92 -1.26 6.07
C LEU D 137 33.82 -0.05 6.30
N GLN D 138 34.11 0.26 7.55
N GLN D 138 34.11 0.23 7.56
CA GLN D 138 35.00 1.39 7.85
CA GLN D 138 34.99 1.35 7.94
C GLN D 138 36.38 1.07 7.26
C GLN D 138 36.43 1.07 7.51
N ALA D 139 36.75 -0.21 7.30
CA ALA D 139 38.06 -0.60 6.79
C ALA D 139 38.15 -0.63 5.24
N VAL D 140 37.09 -0.99 4.51
CA VAL D 140 37.22 -1.04 3.04
C VAL D 140 37.20 0.36 2.42
N ASP D 141 38.00 0.62 1.41
CA ASP D 141 37.80 1.85 0.61
C ASP D 141 36.46 1.84 -0.07
N CYS D 142 35.64 2.83 0.21
CA CYS D 142 34.36 3.02 -0.49
C CYS D 142 34.38 2.66 -1.96
N ASN D 143 35.39 3.16 -2.68
CA ASN D 143 35.48 3.03 -4.12
C ASN D 143 35.49 1.61 -4.61
N LEU D 144 35.93 0.72 -3.72
CA LEU D 144 36.02 -0.66 -4.09
C LEU D 144 34.75 -1.45 -3.85
N ILE D 145 33.79 -0.88 -3.13
CA ILE D 145 32.53 -1.57 -2.91
C ILE D 145 31.65 -1.44 -4.13
N LEU D 146 31.42 -2.55 -4.82
CA LEU D 146 30.53 -2.53 -5.98
C LEU D 146 29.08 -2.57 -5.52
N GLU D 147 28.75 -3.44 -4.56
CA GLU D 147 27.41 -3.44 -3.95
C GLU D 147 27.41 -4.25 -2.63
N ILE D 148 26.44 -3.96 -1.77
CA ILE D 148 26.35 -4.64 -0.50
C ILE D 148 24.92 -5.17 -0.35
N ALA D 149 24.77 -6.40 0.11
CA ALA D 149 23.46 -6.87 0.54
C ALA D 149 23.60 -7.44 1.94
N ARG D 150 22.81 -6.86 2.86
CA ARG D 150 23.10 -6.99 4.27
C ARG D 150 21.75 -7.26 4.96
N THR D 151 21.68 -8.38 5.69
CA THR D 151 20.40 -9.02 6.05
C THR D 151 19.59 -8.40 7.17
N GLY D 152 20.07 -7.32 7.80
CA GLY D 152 19.34 -6.81 8.99
C GLY D 152 19.72 -7.77 10.13
N VAL D 153 19.52 -7.36 11.38
CA VAL D 153 19.96 -8.20 12.50
C VAL D 153 18.87 -9.09 13.04
N SER D 154 19.24 -10.27 13.50
CA SER D 154 18.34 -11.10 14.27
C SER D 154 18.91 -11.42 15.65
N GLY D 155 18.01 -11.45 16.64
CA GLY D 155 18.48 -11.66 18.01
C GLY D 155 17.63 -12.58 18.85
N LEU D 156 18.20 -13.00 19.96
CA LEU D 156 17.53 -13.85 20.90
C LEU D 156 18.00 -13.40 22.26
N SER D 157 17.08 -13.41 23.21
CA SER D 157 17.49 -13.31 24.59
C SER D 157 18.51 -14.43 24.93
N ARG D 158 19.51 -14.08 25.75
CA ARG D 158 20.38 -15.03 26.43
C ARG D 158 19.57 -15.82 27.41
N GLY D 159 19.87 -17.12 27.53
CA GLY D 159 19.33 -17.91 28.62
C GLY D 159 18.00 -18.53 28.29
N GLU D 160 17.18 -18.69 29.32
CA GLU D 160 15.92 -19.42 29.18
C GLU D 160 14.78 -18.53 28.70
N ARG D 161 14.97 -17.22 28.77
CA ARG D 161 13.95 -16.29 28.27
C ARG D 161 13.71 -16.57 26.78
N VAL D 162 12.47 -16.83 26.41
CA VAL D 162 12.13 -17.05 25.02
C VAL D 162 11.03 -16.09 24.61
N LEU D 163 10.96 -15.72 23.33
CA LEU D 163 9.92 -14.76 22.99
C LEU D 163 8.56 -15.43 23.04
N LYS D 164 8.44 -16.67 22.58
CA LYS D 164 7.09 -17.28 22.57
C LYS D 164 6.38 -17.26 23.93
N LEU D 165 7.14 -17.40 25.03
CA LEU D 165 6.62 -17.45 26.43
C LEU D 165 6.93 -16.21 27.31
CA CA E . -19.07 13.22 -30.40
C1 UNL F . -8.85 23.91 7.50
C2 UNL F . -8.14 22.60 7.14
C3 UNL F . -7.42 22.45 5.76
C4 UNL F . -5.89 22.31 5.82
O1 UNL F . -10.06 24.05 6.75
O2 UNL F . -7.17 22.38 8.12
O3 UNL F . -7.85 23.38 4.74
O4 UNL F . -5.46 21.80 4.55
CA CA G . 9.63 2.74 -9.56
C1 UNL H . 24.02 -29.81 2.69
C2 UNL H . 24.05 -30.61 3.98
C3 UNL H . 25.14 -30.17 4.99
C4 UNL H . 26.62 -30.30 4.64
O1 UNL H . 22.74 -29.34 2.35
O2 UNL H . 22.76 -30.39 4.51
O3 UNL H . 25.06 -31.03 6.06
O4 UNL H . 27.36 -29.70 5.67
CA CA I . -9.49 -11.16 -8.65
C1 UNL J . 38.13 -8.64 15.02
C2 UNL J . 38.21 -7.90 13.70
C3 UNL J . 37.64 -6.48 13.64
C4 UNL J . 38.67 -5.39 13.63
O1 UNL J . 37.78 -9.97 14.71
O2 UNL J . 39.54 -7.81 13.29
O3 UNL J . 36.70 -6.16 14.64
O4 UNL J . 38.01 -4.21 14.05
#